data_3VI5
#
_entry.id   3VI5
#
_cell.length_a   47.277
_cell.length_b   48.986
_cell.length_c   91.919
_cell.angle_alpha   95.800
_cell.angle_beta   90.990
_cell.angle_gamma   90.140
#
_symmetry.space_group_name_H-M   'P 1'
#
loop_
_entity.id
_entity.type
_entity.pdbx_description
1 polymer 'Hematopoietic prostaglandin D synthase'
2 non-polymer GLUTATHIONE
3 non-polymer 'CALCIUM ION'
4 non-polymer '1-amino-9,10-dioxo-4-[(4-sulfamoylphenyl)amino]-9,10-dihydroanthracene-2-sulfonic acid'
5 non-polymer GLYCEROL
6 water water
#
_entity_poly.entity_id   1
_entity_poly.type   'polypeptide(L)'
_entity_poly.pdbx_seq_one_letter_code
;PNYKLTYFNMRGRAEIIRYIFAYLDIQYEDHRIEQADWPEIKSTLPFGKIPILEVDGLTLHQSLAIARYLTKNTDLAGNT
EMEQCHVDAIVDTLDDFMSCFPWAEKKQDVKEQMFNELLTYNAPHLMQDLDTYLGGREWLIGMSVTWADFYWEICSTTLL
VFKPDLLDNHPRLVTLRKKVQAIPAVANWIKRRPQTKL
;
_entity_poly.pdbx_strand_id   A,B,C,D
#
# COMPACT_ATOMS: atom_id res chain seq x y z
N PRO A 1 26.58 37.60 2.33
CA PRO A 1 27.62 37.02 1.44
C PRO A 1 27.92 37.86 0.24
N ASN A 2 28.94 37.50 -0.52
CA ASN A 2 29.20 38.17 -1.77
C ASN A 2 28.59 37.45 -2.99
N TYR A 3 27.63 38.13 -3.63
CA TYR A 3 26.74 37.51 -4.64
C TYR A 3 26.99 38.10 -6.02
N LYS A 4 27.20 37.22 -6.99
CA LYS A 4 27.30 37.68 -8.36
C LYS A 4 26.44 36.82 -9.30
N LEU A 5 25.45 37.46 -9.92
CA LEU A 5 24.52 36.81 -10.85
C LEU A 5 25.02 37.02 -12.28
N THR A 6 25.10 35.97 -13.11
CA THR A 6 25.44 36.13 -14.52
C THR A 6 24.27 35.64 -15.33
N TYR A 7 23.71 36.51 -16.16
CA TYR A 7 22.68 36.16 -17.12
C TYR A 7 22.80 37.04 -18.37
N PHE A 8 21.98 36.77 -19.38
CA PHE A 8 21.85 37.72 -20.49
C PHE A 8 21.23 39.02 -19.99
N ASN A 9 21.39 40.07 -20.79
CA ASN A 9 20.66 41.30 -20.51
C ASN A 9 19.17 41.10 -20.81
N MET A 10 18.48 40.28 -20.00
CA MET A 10 17.04 40.17 -20.06
C MET A 10 16.45 39.84 -18.71
N ARG A 11 15.13 39.86 -18.59
CA ARG A 11 14.50 39.41 -17.32
C ARG A 11 14.67 37.88 -17.31
N GLY A 12 14.02 37.20 -18.25
CA GLY A 12 14.09 35.76 -18.47
C GLY A 12 14.06 34.93 -17.20
N ARG A 13 14.98 33.96 -17.14
CA ARG A 13 15.07 33.00 -16.04
C ARG A 13 15.80 33.57 -14.85
N ALA A 14 16.48 34.71 -15.00
CA ALA A 14 17.16 35.28 -13.82
C ALA A 14 16.27 36.19 -12.98
N GLU A 15 15.20 36.73 -13.58
CA GLU A 15 14.40 37.76 -12.93
C GLU A 15 13.85 37.37 -11.53
N ILE A 16 13.56 36.08 -11.36
CA ILE A 16 13.00 35.60 -10.10
C ILE A 16 14.02 35.84 -9.02
N ILE A 17 15.28 35.65 -9.38
CA ILE A 17 16.41 35.85 -8.43
C ILE A 17 16.60 37.36 -8.11
N ARG A 18 16.44 38.21 -9.11
CA ARG A 18 16.56 39.66 -8.88
C ARG A 18 15.44 40.19 -7.96
N TYR A 19 14.28 39.52 -7.93
CA TYR A 19 13.15 39.97 -7.15
C TYR A 19 13.35 39.51 -5.73
N ILE A 20 13.93 38.32 -5.62
CA ILE A 20 14.24 37.83 -4.32
C ILE A 20 15.28 38.72 -3.67
N PHE A 21 16.37 38.97 -4.36
CA PHE A 21 17.38 39.88 -3.80
C PHE A 21 16.77 41.22 -3.38
N ALA A 22 15.96 41.82 -4.26
CA ALA A 22 15.38 43.14 -4.00
C ALA A 22 14.56 43.16 -2.73
N TYR A 23 13.68 42.15 -2.61
CA TYR A 23 12.71 42.11 -1.55
C TYR A 23 13.42 41.88 -0.20
N LEU A 24 14.47 41.08 -0.22
CA LEU A 24 15.15 40.76 1.04
C LEU A 24 16.18 41.84 1.39
N ASP A 25 16.39 42.78 0.47
CA ASP A 25 17.31 43.90 0.63
C ASP A 25 18.76 43.43 0.63
N ILE A 26 19.08 42.58 -0.34
CA ILE A 26 20.41 42.03 -0.49
C ILE A 26 21.11 42.65 -1.74
N GLN A 27 22.33 43.14 -1.51
CA GLN A 27 23.20 43.72 -2.52
C GLN A 27 23.81 42.61 -3.34
N TYR A 28 23.98 42.82 -4.63
CA TYR A 28 24.57 41.75 -5.41
C TYR A 28 25.06 42.39 -6.70
N GLU A 29 25.96 41.74 -7.43
CA GLU A 29 26.42 42.18 -8.76
C GLU A 29 25.54 41.56 -9.81
N ASP A 30 24.86 42.43 -10.56
CA ASP A 30 23.91 42.02 -11.60
C ASP A 30 24.62 42.01 -12.94
N HIS A 31 25.43 40.99 -13.17
CA HIS A 31 26.27 40.88 -14.38
C HIS A 31 25.48 40.40 -15.60
N ARG A 32 25.32 41.28 -16.59
CA ARG A 32 24.60 40.97 -17.81
C ARG A 32 25.57 40.88 -18.99
N ILE A 33 25.54 39.75 -19.69
CA ILE A 33 26.51 39.52 -20.76
C ILE A 33 25.89 39.72 -22.11
N GLU A 34 26.78 39.72 -23.10
CA GLU A 34 26.42 39.92 -24.49
C GLU A 34 26.40 38.58 -25.16
N GLN A 35 25.52 38.38 -26.14
CA GLN A 35 25.65 37.23 -27.03
C GLN A 35 27.13 36.96 -27.35
N ALA A 36 27.86 38.03 -27.69
CA ALA A 36 29.24 37.93 -28.17
C ALA A 36 30.25 37.41 -27.15
N ASP A 37 29.93 37.53 -25.85
CA ASP A 37 30.78 36.96 -24.81
C ASP A 37 30.46 35.50 -24.47
N TRP A 38 29.30 35.04 -24.96
CA TRP A 38 28.72 33.79 -24.46
C TRP A 38 29.62 32.60 -24.81
N PRO A 39 29.70 32.20 -26.11
CA PRO A 39 30.58 31.08 -26.44
C PRO A 39 31.81 30.93 -25.54
N GLU A 40 32.51 32.03 -25.26
CA GLU A 40 33.68 32.00 -24.37
C GLU A 40 33.37 31.59 -22.93
N ILE A 41 32.35 32.20 -22.33
CA ILE A 41 31.97 31.97 -20.92
C ILE A 41 31.30 30.61 -20.71
N LYS A 42 30.30 30.35 -21.55
CA LYS A 42 29.64 29.05 -21.66
C LYS A 42 30.57 27.84 -21.42
N SER A 43 31.66 27.77 -22.18
CA SER A 43 32.56 26.64 -22.11
C SER A 43 33.19 26.48 -20.71
N THR A 44 32.90 27.40 -19.80
CA THR A 44 33.48 27.30 -18.47
C THR A 44 32.47 26.88 -17.40
N LEU A 45 31.17 26.90 -17.74
CA LEU A 45 30.04 26.56 -16.83
C LEU A 45 29.79 25.05 -16.71
N PRO A 46 29.26 24.58 -15.53
CA PRO A 46 29.32 23.11 -15.30
C PRO A 46 28.44 22.32 -16.29
N PHE A 47 27.36 22.95 -16.69
CA PHE A 47 26.40 22.36 -17.57
C PHE A 47 26.10 23.30 -18.72
N GLY A 48 26.92 24.35 -18.88
CA GLY A 48 26.82 25.22 -20.09
C GLY A 48 25.54 26.01 -20.18
N LYS A 49 24.96 26.34 -19.01
CA LYS A 49 23.71 27.13 -19.01
C LYS A 49 23.75 28.39 -18.06
N ILE A 50 22.99 29.45 -18.41
CA ILE A 50 22.76 30.52 -17.45
C ILE A 50 21.26 30.64 -17.13
N PRO A 51 20.90 31.24 -15.99
CA PRO A 51 21.80 31.95 -15.05
C PRO A 51 22.71 31.08 -14.16
N ILE A 52 23.87 31.60 -13.73
CA ILE A 52 24.58 31.08 -12.57
C ILE A 52 24.63 32.15 -11.48
N LEU A 53 24.79 31.73 -10.24
CA LEU A 53 25.03 32.65 -9.11
C LEU A 53 26.23 32.16 -8.30
N GLU A 54 27.20 33.06 -8.12
CA GLU A 54 28.45 32.78 -7.41
C GLU A 54 28.29 33.33 -6.01
N VAL A 55 28.50 32.49 -5.00
CA VAL A 55 28.27 32.85 -3.60
C VAL A 55 29.62 32.66 -2.90
N ASP A 56 30.21 33.78 -2.48
CA ASP A 56 31.55 33.77 -1.90
C ASP A 56 32.51 32.90 -2.71
N GLY A 57 32.57 33.14 -4.02
CA GLY A 57 33.47 32.36 -4.84
C GLY A 57 32.94 30.99 -5.25
N LEU A 58 31.77 30.56 -4.75
CA LEU A 58 31.24 29.24 -5.16
C LEU A 58 30.14 29.39 -6.22
N THR A 59 30.09 28.45 -7.14
CA THR A 59 29.15 28.55 -8.25
C THR A 59 27.90 27.67 -8.00
N LEU A 60 26.73 28.30 -8.00
CA LEU A 60 25.43 27.62 -8.01
C LEU A 60 24.82 27.79 -9.42
N HIS A 61 23.98 26.84 -9.85
CA HIS A 61 23.31 26.94 -11.13
C HIS A 61 21.84 26.53 -10.98
N GLN A 62 21.10 26.60 -12.09
CA GLN A 62 19.64 26.36 -12.17
C GLN A 62 18.79 27.42 -11.44
N SER A 63 17.98 28.17 -12.17
CA SER A 63 17.39 29.36 -11.58
C SER A 63 16.44 29.10 -10.40
N LEU A 64 15.69 28.01 -10.44
CA LEU A 64 14.70 27.75 -9.38
C LEU A 64 15.39 27.09 -8.17
N ALA A 65 16.47 26.33 -8.39
CA ALA A 65 17.26 25.78 -7.28
C ALA A 65 17.91 26.91 -6.46
N ILE A 66 18.48 27.88 -7.19
CA ILE A 66 19.01 29.14 -6.57
C ILE A 66 17.91 29.93 -5.87
N ALA A 67 16.71 30.02 -6.49
CA ALA A 67 15.65 30.82 -5.92
C ALA A 67 15.25 30.19 -4.58
N ARG A 68 15.27 28.84 -4.53
CA ARG A 68 14.88 28.16 -3.32
C ARG A 68 15.94 28.33 -2.26
N TYR A 69 17.22 28.21 -2.64
CA TYR A 69 18.34 28.41 -1.72
C TYR A 69 18.26 29.76 -1.02
N LEU A 70 17.98 30.81 -1.80
CA LEU A 70 17.91 32.18 -1.26
C LEU A 70 16.69 32.40 -0.32
N THR A 71 15.59 31.68 -0.56
CA THR A 71 14.34 32.00 0.16
C THR A 71 14.14 31.14 1.44
N LYS A 72 14.94 30.11 1.57
CA LYS A 72 14.92 29.20 2.68
C LYS A 72 15.12 29.99 4.01
N ASN A 73 14.22 29.82 4.99
CA ASN A 73 14.35 30.55 6.26
C ASN A 73 14.06 32.00 6.16
N THR A 74 13.23 32.38 5.18
CA THR A 74 12.85 33.79 5.02
C THR A 74 11.33 33.75 5.06
N ASP A 75 10.66 34.89 5.10
CA ASP A 75 9.21 34.76 5.02
C ASP A 75 8.66 34.61 3.57
N LEU A 76 9.57 34.50 2.57
CA LEU A 76 9.16 34.14 1.20
C LEU A 76 8.93 32.61 1.04
N ALA A 77 9.50 31.81 1.95
CA ALA A 77 9.27 30.37 1.93
C ALA A 77 7.85 30.23 2.47
N GLY A 78 7.17 29.14 2.24
CA GLY A 78 5.90 28.94 2.98
C GLY A 78 6.06 28.67 4.47
N ASN A 79 4.97 28.71 5.22
CA ASN A 79 5.03 28.63 6.71
C ASN A 79 5.08 27.20 7.30
N THR A 80 4.79 26.18 6.50
CA THR A 80 4.95 24.80 6.96
C THR A 80 5.64 24.07 5.84
N GLU A 81 6.01 22.82 6.08
CA GLU A 81 6.62 22.03 5.02
C GLU A 81 5.64 21.73 3.90
N MET A 82 4.39 21.44 4.25
CA MET A 82 3.34 21.29 3.25
C MET A 82 3.18 22.57 2.43
N GLU A 83 3.15 23.72 3.09
CA GLU A 83 3.02 24.96 2.29
C GLU A 83 4.25 25.27 1.35
N GLN A 84 5.46 24.94 1.77
CA GLN A 84 6.64 25.03 0.89
C GLN A 84 6.47 24.11 -0.34
N CYS A 85 5.85 22.92 -0.16
CA CYS A 85 5.58 22.05 -1.30
C CYS A 85 4.60 22.76 -2.28
N HIS A 86 3.51 23.37 -1.75
CA HIS A 86 2.58 24.13 -2.65
C HIS A 86 3.31 25.29 -3.40
N VAL A 87 4.22 26.06 -2.73
CA VAL A 87 5.05 27.06 -3.41
C VAL A 87 5.89 26.41 -4.53
N ASP A 88 6.64 25.34 -4.25
CA ASP A 88 7.46 24.69 -5.30
C ASP A 88 6.54 24.22 -6.47
N ALA A 89 5.33 23.74 -6.11
CA ALA A 89 4.39 23.15 -7.09
C ALA A 89 3.82 24.18 -8.04
N ILE A 90 3.40 25.34 -7.52
CA ILE A 90 2.98 26.45 -8.38
C ILE A 90 4.07 26.94 -9.33
N VAL A 91 5.28 27.13 -8.79
CA VAL A 91 6.41 27.54 -9.58
C VAL A 91 6.71 26.53 -10.72
N ASP A 92 6.75 25.23 -10.39
CA ASP A 92 6.94 24.17 -11.41
C ASP A 92 5.87 24.15 -12.46
N THR A 93 4.64 24.36 -12.05
CA THR A 93 3.51 24.44 -13.03
C THR A 93 3.71 25.58 -14.02
N LEU A 94 4.02 26.77 -13.49
CA LEU A 94 4.31 27.94 -14.33
C LEU A 94 5.60 27.71 -15.18
N ASP A 95 6.65 27.14 -14.57
CA ASP A 95 7.91 26.91 -15.29
C ASP A 95 7.72 25.86 -16.41
N ASP A 96 6.89 24.85 -16.18
CA ASP A 96 6.60 23.81 -17.17
C ASP A 96 5.97 24.47 -18.38
N PHE A 97 5.06 25.42 -18.13
CA PHE A 97 4.41 26.16 -19.21
C PHE A 97 5.39 27.02 -20.03
N MET A 98 6.09 27.94 -19.36
CA MET A 98 7.03 28.89 -20.01
C MET A 98 8.07 28.11 -20.83
N SER A 99 8.43 26.94 -20.29
CA SER A 99 9.41 26.02 -20.90
C SER A 99 8.92 25.31 -22.16
N CYS A 100 7.61 25.12 -22.29
CA CYS A 100 6.99 24.56 -23.51
C CYS A 100 7.26 25.44 -24.75
N PHE A 101 7.37 26.75 -24.54
CA PHE A 101 7.61 27.74 -25.61
C PHE A 101 8.99 27.59 -26.20
N PRO A 102 9.07 27.49 -27.55
CA PRO A 102 10.34 27.24 -28.24
C PRO A 102 11.07 28.56 -28.40
N TRP A 103 11.77 28.94 -27.34
CA TRP A 103 12.46 30.22 -27.24
C TRP A 103 13.59 30.41 -28.24
N ALA A 104 14.40 29.37 -28.43
CA ALA A 104 15.60 29.41 -29.25
C ALA A 104 15.36 29.00 -30.71
N GLU A 105 14.26 28.27 -30.94
CA GLU A 105 13.84 27.83 -32.29
C GLU A 105 14.06 28.86 -33.42
N LYS A 106 14.78 28.44 -34.46
CA LYS A 106 15.16 29.35 -35.57
C LYS A 106 14.51 29.02 -36.93
N LYS A 107 13.23 28.66 -36.92
CA LYS A 107 12.37 28.65 -38.11
C LYS A 107 11.11 29.46 -37.80
N GLN A 108 10.99 30.68 -38.34
CA GLN A 108 9.78 31.51 -38.12
C GLN A 108 8.55 31.00 -38.89
N ASP A 109 7.90 29.97 -38.33
CA ASP A 109 6.55 29.51 -38.71
C ASP A 109 6.27 28.14 -38.07
N VAL A 110 7.35 27.47 -37.64
CA VAL A 110 7.26 26.36 -36.69
C VAL A 110 7.24 26.99 -35.30
N LYS A 111 8.01 28.06 -35.16
CA LYS A 111 8.03 28.86 -33.93
C LYS A 111 6.74 29.64 -33.80
N GLU A 112 6.36 30.32 -34.89
CA GLU A 112 5.24 31.27 -34.89
C GLU A 112 3.85 30.63 -34.75
N GLN A 113 3.77 29.32 -35.03
CA GLN A 113 2.53 28.54 -34.97
C GLN A 113 2.44 27.77 -33.64
N MET A 114 3.61 27.41 -33.10
CA MET A 114 3.76 26.85 -31.75
C MET A 114 3.33 27.86 -30.67
N PHE A 115 3.83 29.09 -30.78
CA PHE A 115 3.41 30.19 -29.91
C PHE A 115 1.91 30.35 -29.93
N ASN A 116 1.32 30.42 -31.13
CA ASN A 116 -0.13 30.48 -31.24
C ASN A 116 -0.86 29.28 -30.66
N GLU A 117 -0.30 28.07 -30.81
CA GLU A 117 -0.92 26.88 -30.23
C GLU A 117 -1.00 27.02 -28.71
N LEU A 118 0.15 27.21 -28.06
CA LEU A 118 0.20 27.34 -26.61
C LEU A 118 -0.60 28.54 -26.12
N LEU A 119 -0.47 29.66 -26.83
CA LEU A 119 -1.16 30.91 -26.48
C LEU A 119 -2.67 30.87 -26.77
N THR A 120 -3.10 30.11 -27.76
CA THR A 120 -4.54 30.01 -28.04
C THR A 120 -5.26 28.89 -27.31
N TYR A 121 -4.60 27.75 -27.12
CA TYR A 121 -5.29 26.61 -26.54
C TYR A 121 -4.91 26.23 -25.12
N ASN A 122 -3.64 26.41 -24.76
CA ASN A 122 -3.14 25.92 -23.47
C ASN A 122 -3.25 27.00 -22.40
N ALA A 123 -2.80 28.20 -22.75
CA ALA A 123 -2.81 29.36 -21.84
C ALA A 123 -4.13 29.59 -21.09
N PRO A 124 -5.28 29.67 -21.84
CA PRO A 124 -6.59 29.86 -21.19
C PRO A 124 -6.94 28.77 -20.18
N HIS A 125 -6.57 27.51 -20.46
CA HIS A 125 -6.76 26.44 -19.49
C HIS A 125 -5.93 26.72 -18.23
N LEU A 126 -4.66 27.05 -18.41
CA LEU A 126 -3.80 27.43 -17.27
C LEU A 126 -4.33 28.62 -16.48
N MET A 127 -4.77 29.69 -17.19
CA MET A 127 -5.26 30.92 -16.53
C MET A 127 -6.47 30.60 -15.70
N GLN A 128 -7.34 29.74 -16.27
CA GLN A 128 -8.52 29.27 -15.54
C GLN A 128 -8.16 28.41 -14.31
N ASP A 129 -7.27 27.42 -14.49
CA ASP A 129 -6.78 26.67 -13.31
C ASP A 129 -6.19 27.56 -12.23
N LEU A 130 -5.38 28.55 -12.60
CA LEU A 130 -4.73 29.37 -11.54
C LEU A 130 -5.77 30.19 -10.75
N ASP A 131 -6.71 30.76 -11.49
CA ASP A 131 -7.80 31.56 -10.95
C ASP A 131 -8.62 30.72 -9.94
N THR A 132 -9.05 29.52 -10.35
CA THR A 132 -9.78 28.62 -9.45
C THR A 132 -8.90 28.31 -8.23
N TYR A 133 -7.60 28.08 -8.46
CA TYR A 133 -6.67 27.77 -7.38
C TYR A 133 -6.53 28.94 -6.37
N LEU A 134 -6.46 30.15 -6.90
CA LEU A 134 -6.44 31.36 -6.08
C LEU A 134 -7.76 31.60 -5.33
N GLY A 135 -8.88 31.37 -6.02
CA GLY A 135 -10.18 31.83 -5.55
C GLY A 135 -10.08 33.30 -5.19
N GLY A 136 -10.69 33.66 -4.08
CA GLY A 136 -10.70 35.03 -3.60
C GLY A 136 -9.71 35.18 -2.47
N ARG A 137 -8.66 34.35 -2.46
CA ARG A 137 -7.56 34.57 -1.49
C ARG A 137 -6.61 35.71 -1.92
N GLU A 138 -5.90 36.26 -0.96
CA GLU A 138 -5.01 37.35 -1.22
C GLU A 138 -3.74 36.92 -2.00
N TRP A 139 -3.23 35.75 -1.67
CA TRP A 139 -1.93 35.27 -2.22
C TRP A 139 -2.09 33.80 -2.62
N LEU A 140 -1.22 33.31 -3.47
CA LEU A 140 -1.36 31.92 -3.93
C LEU A 140 -1.27 30.87 -2.77
N ILE A 141 -0.28 31.03 -1.88
CA ILE A 141 -0.09 30.10 -0.77
C ILE A 141 -0.18 30.79 0.60
N GLY A 142 -0.98 30.28 1.52
CA GLY A 142 -0.88 30.76 2.90
C GLY A 142 -1.45 32.15 3.05
N MET A 143 -1.14 32.81 4.18
CA MET A 143 -1.69 34.18 4.42
C MET A 143 -0.78 35.36 4.08
N SER A 144 0.33 35.12 3.37
CA SER A 144 1.18 36.23 2.95
C SER A 144 1.97 35.91 1.69
N VAL A 145 2.70 36.89 1.16
CA VAL A 145 3.50 36.71 -0.08
C VAL A 145 4.60 35.62 -0.03
N THR A 146 4.78 34.89 -1.14
CA THR A 146 5.86 33.90 -1.26
C THR A 146 6.46 34.12 -2.64
N TRP A 147 7.52 33.41 -2.93
CA TRP A 147 8.15 33.60 -4.19
C TRP A 147 7.35 32.98 -5.32
N ALA A 148 6.32 32.17 -5.00
CA ALA A 148 5.38 31.74 -6.04
C ALA A 148 4.59 32.95 -6.57
N ASP A 149 4.20 33.87 -5.68
CA ASP A 149 3.55 35.13 -6.16
C ASP A 149 4.48 35.93 -7.10
N PHE A 150 5.75 36.05 -6.72
CA PHE A 150 6.76 36.66 -7.58
C PHE A 150 6.84 35.95 -8.93
N TYR A 151 6.85 34.60 -8.94
CA TYR A 151 6.98 33.93 -10.21
C TYR A 151 5.75 34.17 -11.12
N TRP A 152 4.57 34.21 -10.52
CA TRP A 152 3.39 34.47 -11.28
C TRP A 152 3.50 35.85 -11.94
N GLU A 153 3.90 36.86 -11.16
CA GLU A 153 4.04 38.23 -11.71
C GLU A 153 5.00 38.25 -12.90
N ILE A 154 6.14 37.58 -12.72
CA ILE A 154 7.21 37.55 -13.72
C ILE A 154 6.77 36.82 -14.98
N CYS A 155 6.18 35.64 -14.79
CA CYS A 155 5.68 34.85 -15.90
C CYS A 155 4.57 35.57 -16.67
N SER A 156 3.59 36.09 -15.93
CA SER A 156 2.45 36.69 -16.63
C SER A 156 2.85 37.97 -17.39
N THR A 157 3.89 38.64 -16.92
CA THR A 157 4.45 39.83 -17.61
C THR A 157 4.93 39.44 -19.02
N THR A 158 5.77 38.41 -19.15
CA THR A 158 6.25 38.01 -20.47
C THR A 158 5.10 37.43 -21.30
N LEU A 159 4.26 36.58 -20.70
CA LEU A 159 3.06 36.08 -21.43
C LEU A 159 2.19 37.20 -22.00
N LEU A 160 2.04 38.29 -21.24
CA LEU A 160 1.27 39.46 -21.69
C LEU A 160 1.91 40.18 -22.85
N VAL A 161 3.20 39.95 -23.10
CA VAL A 161 3.83 40.55 -24.28
C VAL A 161 3.33 39.86 -25.53
N PHE A 162 3.09 38.56 -25.45
CA PHE A 162 2.63 37.80 -26.61
C PHE A 162 1.11 37.70 -26.73
N LYS A 163 0.41 38.00 -25.63
CA LYS A 163 -1.02 37.80 -25.60
C LYS A 163 -1.66 38.76 -24.63
N PRO A 164 -1.81 40.04 -25.07
CA PRO A 164 -2.25 41.07 -24.10
C PRO A 164 -3.68 40.88 -23.50
N ASP A 165 -4.55 40.10 -24.15
CA ASP A 165 -5.91 39.78 -23.60
C ASP A 165 -5.96 38.61 -22.59
N LEU A 166 -4.79 37.98 -22.36
CA LEU A 166 -4.61 36.80 -21.50
C LEU A 166 -5.49 36.76 -20.29
N LEU A 167 -5.49 37.87 -19.55
CA LEU A 167 -6.14 37.94 -18.26
C LEU A 167 -7.49 38.71 -18.26
N ASP A 168 -8.11 38.85 -19.44
CA ASP A 168 -9.46 39.48 -19.56
C ASP A 168 -10.58 38.87 -18.70
N ASN A 169 -10.66 37.54 -18.68
CA ASN A 169 -11.65 36.88 -17.84
C ASN A 169 -11.19 36.61 -16.44
N HIS A 170 -10.05 37.16 -16.06
CA HIS A 170 -9.43 36.81 -14.79
C HIS A 170 -8.99 38.01 -13.94
N PRO A 171 -9.96 38.83 -13.52
CA PRO A 171 -9.51 40.05 -12.84
C PRO A 171 -8.76 39.81 -11.55
N ARG A 172 -9.02 38.68 -10.90
CA ARG A 172 -8.33 38.42 -9.64
C ARG A 172 -6.83 38.15 -9.81
N LEU A 173 -6.44 37.64 -10.97
CA LEU A 173 -5.06 37.34 -11.30
C LEU A 173 -4.30 38.62 -11.56
N VAL A 174 -4.98 39.54 -12.24
CA VAL A 174 -4.54 40.95 -12.33
C VAL A 174 -4.40 41.61 -10.93
N THR A 175 -5.36 41.42 -10.03
CA THR A 175 -5.21 42.01 -8.68
C THR A 175 -3.96 41.40 -7.96
N LEU A 176 -3.73 40.08 -8.11
CA LEU A 176 -2.47 39.51 -7.59
C LEU A 176 -1.25 40.14 -8.24
N ARG A 177 -1.28 40.36 -9.54
CA ARG A 177 -0.11 40.98 -10.14
C ARG A 177 0.22 42.33 -9.50
N LYS A 178 -0.84 43.08 -9.24
CA LYS A 178 -0.72 44.41 -8.66
C LYS A 178 -0.35 44.41 -7.21
N LYS A 179 -0.83 43.41 -6.43
CA LYS A 179 -0.40 43.31 -5.05
C LYS A 179 1.13 43.17 -5.03
N VAL A 180 1.67 42.31 -5.91
CA VAL A 180 3.13 42.10 -5.98
C VAL A 180 3.90 43.40 -6.41
N GLN A 181 3.43 44.04 -7.49
CA GLN A 181 4.11 45.19 -8.11
C GLN A 181 4.05 46.44 -7.20
N ALA A 182 3.12 46.43 -6.25
CA ALA A 182 2.90 47.41 -5.17
C ALA A 182 3.87 47.27 -3.97
N ILE A 183 4.41 46.08 -3.73
CA ILE A 183 5.40 45.87 -2.67
C ILE A 183 6.59 46.85 -2.92
N PRO A 184 6.92 47.72 -1.93
CA PRO A 184 7.89 48.81 -2.17
C PRO A 184 9.23 48.36 -2.74
N ALA A 185 9.91 47.41 -2.09
CA ALA A 185 11.17 46.93 -2.68
C ALA A 185 10.98 46.36 -4.10
N VAL A 186 9.85 45.72 -4.37
CA VAL A 186 9.60 45.21 -5.75
C VAL A 186 9.30 46.35 -6.70
N ALA A 187 8.41 47.26 -6.29
CA ALA A 187 8.16 48.49 -7.08
C ALA A 187 9.47 49.19 -7.44
N ASN A 188 10.34 49.36 -6.44
CA ASN A 188 11.60 50.05 -6.60
C ASN A 188 12.40 49.35 -7.69
N TRP A 189 12.48 48.02 -7.62
CA TRP A 189 13.23 47.26 -8.61
C TRP A 189 12.64 47.41 -10.02
N ILE A 190 11.32 47.42 -10.14
CA ILE A 190 10.69 47.43 -11.49
C ILE A 190 10.97 48.72 -12.27
N LYS A 191 10.81 49.86 -11.61
CA LYS A 191 11.22 51.16 -12.19
C LYS A 191 12.72 51.23 -12.47
N ARG A 192 13.57 50.82 -11.52
CA ARG A 192 15.05 50.82 -11.69
C ARG A 192 15.68 49.91 -12.79
N ARG A 193 14.96 48.89 -13.24
CA ARG A 193 15.60 47.83 -14.02
C ARG A 193 15.77 48.15 -15.50
N PRO A 194 16.82 47.60 -16.15
CA PRO A 194 16.88 47.72 -17.61
C PRO A 194 15.58 47.33 -18.29
N GLN A 195 15.13 48.16 -19.24
CA GLN A 195 13.99 47.82 -20.09
C GLN A 195 14.38 46.95 -21.26
N THR A 196 13.94 45.68 -21.20
CA THR A 196 14.22 44.71 -22.22
C THR A 196 12.85 44.14 -22.61
N LYS A 197 12.74 43.58 -23.82
CA LYS A 197 11.56 42.85 -24.27
C LYS A 197 11.22 41.59 -23.38
N LEU A 198 12.22 40.73 -23.19
CA LEU A 198 12.06 39.51 -22.41
C LEU A 198 12.87 39.52 -21.09
N PRO B 1 -34.60 -35.46 10.01
CA PRO B 1 -34.04 -35.08 8.71
C PRO B 1 -33.13 -36.14 8.16
N ASN B 2 -32.92 -36.16 6.87
CA ASN B 2 -32.08 -37.18 6.29
C ASN B 2 -30.57 -36.77 6.19
N TYR B 3 -29.72 -37.40 7.00
CA TYR B 3 -28.30 -37.02 7.15
C TYR B 3 -27.33 -38.09 6.56
N LYS B 4 -26.45 -37.69 5.64
CA LYS B 4 -25.37 -38.56 5.24
C LYS B 4 -24.01 -37.86 5.40
N LEU B 5 -23.13 -38.41 6.25
CA LEU B 5 -21.80 -37.87 6.55
C LEU B 5 -20.79 -38.60 5.65
N THR B 6 -20.03 -37.88 4.81
CA THR B 6 -18.92 -38.51 4.05
C THR B 6 -17.52 -38.12 4.56
N TYR B 7 -16.73 -39.14 4.91
CA TYR B 7 -15.37 -38.96 5.33
C TYR B 7 -14.53 -40.22 5.01
N PHE B 8 -13.24 -40.18 5.33
CA PHE B 8 -12.43 -41.40 5.32
C PHE B 8 -12.85 -42.31 6.50
N ASN B 9 -12.39 -43.56 6.44
CA ASN B 9 -12.54 -44.46 7.58
C ASN B 9 -11.46 -44.10 8.61
N MET B 10 -11.71 -43.01 9.33
CA MET B 10 -10.92 -42.58 10.46
C MET B 10 -11.77 -41.60 11.29
N ARG B 11 -11.35 -41.34 12.52
CA ARG B 11 -12.04 -40.34 13.33
C ARG B 11 -11.78 -38.92 12.69
N GLY B 12 -10.50 -38.53 12.59
CA GLY B 12 -10.06 -37.28 12.02
C GLY B 12 -11.04 -36.13 12.33
N ARG B 13 -11.38 -35.41 11.27
CA ARG B 13 -12.12 -34.16 11.32
C ARG B 13 -13.63 -34.38 11.30
N ALA B 14 -14.07 -35.61 11.03
CA ALA B 14 -15.50 -35.98 11.09
C ALA B 14 -15.96 -36.33 12.51
N GLU B 15 -15.04 -36.79 13.37
CA GLU B 15 -15.42 -37.37 14.64
C GLU B 15 -16.28 -36.43 15.52
N ILE B 16 -16.05 -35.14 15.42
CA ILE B 16 -16.87 -34.21 16.21
C ILE B 16 -18.34 -34.25 15.78
N ILE B 17 -18.56 -34.37 14.49
CA ILE B 17 -19.91 -34.51 13.93
C ILE B 17 -20.50 -35.84 14.43
N ARG B 18 -19.69 -36.92 14.42
CA ARG B 18 -20.18 -38.24 14.92
C ARG B 18 -20.54 -38.16 16.38
N TYR B 19 -19.82 -37.38 17.18
CA TYR B 19 -20.18 -37.35 18.60
C TYR B 19 -21.42 -36.53 18.78
N ILE B 20 -21.59 -35.47 17.99
CA ILE B 20 -22.79 -34.64 18.20
C ILE B 20 -24.03 -35.45 17.82
N PHE B 21 -23.93 -36.14 16.69
CA PHE B 21 -25.07 -36.98 16.23
C PHE B 21 -25.45 -37.98 17.32
N ALA B 22 -24.45 -38.59 17.97
CA ALA B 22 -24.72 -39.62 18.96
C ALA B 22 -25.31 -39.03 20.24
N TYR B 23 -24.83 -37.87 20.66
CA TYR B 23 -25.28 -37.27 21.91
C TYR B 23 -26.74 -36.85 21.79
N LEU B 24 -27.08 -36.38 20.62
CA LEU B 24 -28.42 -35.83 20.33
C LEU B 24 -29.36 -36.90 19.85
N ASP B 25 -28.84 -38.12 19.84
CA ASP B 25 -29.56 -39.34 19.48
C ASP B 25 -30.12 -39.17 18.11
N ILE B 26 -29.27 -38.94 17.12
CA ILE B 26 -29.75 -38.64 15.79
C ILE B 26 -29.19 -39.66 14.80
N GLN B 27 -30.06 -40.17 13.92
CA GLN B 27 -29.69 -41.23 13.01
C GLN B 27 -29.02 -40.61 11.82
N TYR B 28 -28.07 -41.30 11.22
CA TYR B 28 -27.46 -40.79 10.01
C TYR B 28 -26.65 -41.87 9.33
N GLU B 29 -26.35 -41.71 8.05
CA GLU B 29 -25.48 -42.69 7.34
C GLU B 29 -24.03 -42.25 7.54
N ASP B 30 -23.23 -43.14 8.12
CA ASP B 30 -21.81 -42.85 8.44
C ASP B 30 -20.99 -43.40 7.30
N HIS B 31 -20.97 -42.71 6.16
CA HIS B 31 -20.35 -43.24 4.94
C HIS B 31 -18.83 -43.04 4.97
N ARG B 32 -18.09 -44.16 4.95
CA ARG B 32 -16.62 -44.13 4.99
C ARG B 32 -16.06 -44.56 3.64
N ILE B 33 -15.27 -43.69 3.01
CA ILE B 33 -14.70 -43.99 1.71
C ILE B 33 -13.33 -44.56 1.91
N GLU B 34 -12.89 -45.33 0.94
CA GLU B 34 -11.48 -45.68 0.86
C GLU B 34 -10.76 -44.79 -0.10
N GLN B 35 -9.46 -44.60 0.15
CA GLN B 35 -8.54 -43.80 -0.65
C GLN B 35 -8.70 -44.02 -2.19
N ALA B 36 -8.78 -45.28 -2.64
CA ALA B 36 -8.83 -45.63 -4.08
C ALA B 36 -9.92 -44.93 -4.90
N ASP B 37 -10.99 -44.55 -4.20
CA ASP B 37 -12.13 -43.85 -4.77
C ASP B 37 -12.09 -42.32 -4.64
N TRP B 38 -11.13 -41.82 -3.85
CA TRP B 38 -11.10 -40.40 -3.47
C TRP B 38 -10.92 -39.48 -4.69
N PRO B 39 -9.91 -39.74 -5.54
CA PRO B 39 -9.91 -38.92 -6.76
C PRO B 39 -11.29 -38.75 -7.41
N GLU B 40 -12.05 -39.81 -7.61
CA GLU B 40 -13.34 -39.71 -8.32
C GLU B 40 -14.36 -38.77 -7.63
N ILE B 41 -14.45 -38.85 -6.30
CA ILE B 41 -15.45 -38.14 -5.49
C ILE B 41 -15.09 -36.66 -5.29
N LYS B 42 -13.82 -36.44 -4.96
CA LYS B 42 -13.23 -35.11 -4.82
C LYS B 42 -13.72 -34.14 -5.91
N SER B 43 -13.67 -34.61 -7.16
CA SER B 43 -14.05 -33.85 -8.34
C SER B 43 -15.41 -33.21 -8.25
N THR B 44 -16.34 -33.89 -7.60
CA THR B 44 -17.72 -33.44 -7.53
C THR B 44 -17.98 -32.50 -6.38
N LEU B 45 -17.00 -32.34 -5.49
CA LEU B 45 -17.15 -31.55 -4.23
C LEU B 45 -16.83 -30.05 -4.36
N PRO B 46 -17.52 -29.19 -3.56
CA PRO B 46 -17.45 -27.71 -3.81
C PRO B 46 -16.00 -27.16 -3.73
N PHE B 47 -15.24 -27.67 -2.80
CA PHE B 47 -13.93 -27.17 -2.53
C PHE B 47 -12.99 -28.37 -2.43
N GLY B 48 -13.39 -29.49 -3.02
CA GLY B 48 -12.53 -30.70 -3.01
C GLY B 48 -12.09 -31.27 -1.66
N LYS B 49 -12.86 -31.05 -0.58
CA LYS B 49 -12.42 -31.55 0.73
C LYS B 49 -13.53 -32.31 1.46
N ILE B 50 -13.11 -33.20 2.36
CA ILE B 50 -14.08 -33.87 3.25
C ILE B 50 -13.72 -33.58 4.72
N PRO B 51 -14.65 -33.75 5.68
CA PRO B 51 -16.00 -34.26 5.55
C PRO B 51 -16.92 -33.33 4.80
N ILE B 52 -17.97 -33.89 4.20
CA ILE B 52 -19.15 -33.11 3.85
C ILE B 52 -20.35 -33.80 4.55
N LEU B 53 -21.43 -33.04 4.75
CA LEU B 53 -22.66 -33.54 5.32
C LEU B 53 -23.81 -33.14 4.38
N GLU B 54 -24.51 -34.16 3.92
CA GLU B 54 -25.73 -34.02 3.15
C GLU B 54 -26.95 -34.03 4.08
N VAL B 55 -27.82 -33.01 3.96
CA VAL B 55 -28.96 -32.79 4.84
C VAL B 55 -30.10 -32.67 3.85
N ASP B 56 -30.96 -33.68 3.85
CA ASP B 56 -32.12 -33.64 2.99
C ASP B 56 -31.71 -33.30 1.59
N GLY B 57 -30.69 -34.01 1.12
CA GLY B 57 -30.14 -33.77 -0.23
C GLY B 57 -29.40 -32.44 -0.43
N LEU B 58 -29.11 -31.68 0.64
CA LEU B 58 -28.24 -30.48 0.46
C LEU B 58 -26.82 -30.74 1.02
N THR B 59 -25.80 -30.22 0.35
CA THR B 59 -24.42 -30.42 0.79
C THR B 59 -23.91 -29.29 1.69
N LEU B 60 -23.40 -29.66 2.86
CA LEU B 60 -22.67 -28.75 3.76
C LEU B 60 -21.23 -29.26 3.78
N HIS B 61 -20.28 -28.34 4.00
CA HIS B 61 -18.88 -28.74 4.14
C HIS B 61 -18.28 -27.98 5.33
N GLN B 62 -16.99 -28.28 5.61
CA GLN B 62 -16.23 -27.73 6.72
C GLN B 62 -16.69 -28.30 8.03
N SER B 63 -15.84 -29.06 8.72
CA SER B 63 -16.32 -29.80 9.85
C SER B 63 -16.87 -28.96 11.00
N LEU B 64 -16.29 -27.79 11.26
CA LEU B 64 -16.68 -27.02 12.47
C LEU B 64 -17.89 -26.15 12.18
N ALA B 65 -18.02 -25.67 10.92
CA ALA B 65 -19.25 -25.05 10.44
C ALA B 65 -20.47 -26.00 10.57
N ILE B 66 -20.26 -27.27 10.26
CA ILE B 66 -21.32 -28.31 10.34
C ILE B 66 -21.64 -28.59 11.81
N ALA B 67 -20.60 -28.75 12.64
CA ALA B 67 -20.80 -29.04 14.07
C ALA B 67 -21.61 -27.88 14.71
N ARG B 68 -21.36 -26.65 14.25
CA ARG B 68 -22.03 -25.47 14.82
C ARG B 68 -23.50 -25.44 14.39
N TYR B 69 -23.73 -25.77 13.13
CA TYR B 69 -25.05 -25.83 12.58
C TYR B 69 -25.92 -26.84 13.32
N LEU B 70 -25.36 -28.01 13.64
CA LEU B 70 -26.09 -29.10 14.32
C LEU B 70 -26.36 -28.81 15.78
N THR B 71 -25.53 -27.97 16.42
CA THR B 71 -25.62 -27.76 17.86
C THR B 71 -26.40 -26.51 18.23
N LYS B 72 -26.65 -25.64 17.25
CA LYS B 72 -27.45 -24.39 17.52
C LYS B 72 -28.83 -24.82 18.11
N ASN B 73 -29.24 -24.13 19.17
CA ASN B 73 -30.49 -24.40 19.88
C ASN B 73 -30.56 -25.75 20.51
N THR B 74 -29.41 -26.34 20.79
CA THR B 74 -29.38 -27.59 21.54
C THR B 74 -28.66 -27.23 22.83
N ASP B 75 -28.70 -28.15 23.80
CA ASP B 75 -27.95 -28.00 25.09
C ASP B 75 -26.40 -28.00 24.95
N LEU B 76 -25.88 -28.30 23.75
CA LEU B 76 -24.41 -28.39 23.48
C LEU B 76 -23.80 -27.04 23.09
N ALA B 77 -24.67 -26.09 22.80
CA ALA B 77 -24.30 -24.75 22.53
C ALA B 77 -24.18 -24.05 23.88
N GLY B 78 -23.43 -22.97 23.96
CA GLY B 78 -23.41 -22.25 25.25
C GLY B 78 -24.75 -21.61 25.59
N ASN B 79 -24.94 -21.21 26.84
CA ASN B 79 -26.22 -20.57 27.27
C ASN B 79 -26.41 -19.06 26.98
N THR B 80 -25.36 -18.37 26.57
CA THR B 80 -25.52 -16.97 26.16
C THR B 80 -24.72 -16.82 24.91
N GLU B 81 -24.85 -15.68 24.26
CA GLU B 81 -24.04 -15.42 23.06
C GLU B 81 -22.58 -15.32 23.41
N MET B 82 -22.27 -14.76 24.59
CA MET B 82 -20.89 -14.75 25.02
C MET B 82 -20.29 -16.14 25.26
N GLU B 83 -21.02 -17.00 25.95
CA GLU B 83 -20.57 -18.37 26.13
C GLU B 83 -20.41 -19.17 24.82
N GLN B 84 -21.26 -18.90 23.85
CA GLN B 84 -21.14 -19.48 22.52
C GLN B 84 -19.86 -19.05 21.83
N CYS B 85 -19.42 -17.79 22.05
CA CYS B 85 -18.16 -17.32 21.57
C CYS B 85 -17.01 -18.05 22.26
N HIS B 86 -17.07 -18.20 23.61
CA HIS B 86 -16.03 -19.00 24.29
C HIS B 86 -15.97 -20.45 23.74
N VAL B 87 -17.14 -21.09 23.47
CA VAL B 87 -17.14 -22.46 22.94
C VAL B 87 -16.40 -22.42 21.57
N ASP B 88 -16.85 -21.53 20.66
CA ASP B 88 -16.17 -21.39 19.35
C ASP B 88 -14.66 -21.15 19.50
N ALA B 89 -14.25 -20.35 20.51
CA ALA B 89 -12.84 -19.97 20.68
C ALA B 89 -11.94 -21.10 21.12
N ILE B 90 -12.40 -21.88 22.07
CA ILE B 90 -11.73 -23.09 22.51
C ILE B 90 -11.58 -24.06 21.36
N VAL B 91 -12.65 -24.28 20.62
CA VAL B 91 -12.57 -25.16 19.49
C VAL B 91 -11.51 -24.72 18.43
N ASP B 92 -11.54 -23.44 18.07
CA ASP B 92 -10.53 -22.86 17.15
C ASP B 92 -9.15 -22.97 17.76
N THR B 93 -9.05 -22.86 19.08
CA THR B 93 -7.70 -22.97 19.71
C THR B 93 -7.14 -24.40 19.51
N LEU B 94 -7.99 -25.41 19.71
CA LEU B 94 -7.54 -26.82 19.59
C LEU B 94 -7.27 -27.09 18.12
N ASP B 95 -8.11 -26.53 17.27
CA ASP B 95 -8.07 -26.84 15.87
C ASP B 95 -6.76 -26.29 15.29
N ASP B 96 -6.43 -25.02 15.64
CA ASP B 96 -5.26 -24.30 15.15
C ASP B 96 -4.08 -25.15 15.48
N PHE B 97 -4.15 -25.80 16.64
CA PHE B 97 -3.05 -26.64 17.07
C PHE B 97 -2.99 -27.87 16.19
N MET B 98 -4.07 -28.64 16.21
CA MET B 98 -4.16 -29.90 15.47
C MET B 98 -3.78 -29.72 14.00
N SER B 99 -4.04 -28.52 13.49
CA SER B 99 -3.79 -28.15 12.09
C SER B 99 -2.38 -27.63 11.85
N CYS B 100 -1.68 -27.27 12.93
CA CYS B 100 -0.24 -26.96 12.85
C CYS B 100 0.59 -28.19 12.41
N PHE B 101 0.07 -29.40 12.66
CA PHE B 101 0.68 -30.67 12.16
C PHE B 101 0.52 -30.89 10.65
N PRO B 102 1.66 -31.08 9.93
CA PRO B 102 1.61 -31.51 8.51
C PRO B 102 1.11 -32.96 8.41
N TRP B 103 -0.20 -33.14 8.23
CA TRP B 103 -0.83 -34.46 8.26
C TRP B 103 -0.53 -35.30 7.01
N ALA B 104 -0.70 -34.67 5.85
CA ALA B 104 -0.30 -35.28 4.58
C ALA B 104 1.13 -34.81 4.30
N GLU B 105 2.10 -35.51 4.90
CA GLU B 105 3.53 -35.20 4.70
C GLU B 105 4.33 -36.43 4.29
N LYS B 106 5.11 -36.27 3.21
CA LYS B 106 5.84 -37.41 2.65
C LYS B 106 7.36 -37.26 2.73
N LYS B 107 7.83 -36.07 3.09
CA LYS B 107 9.21 -35.92 3.51
C LYS B 107 9.26 -36.49 4.92
N GLN B 108 10.35 -37.19 5.24
CA GLN B 108 10.52 -37.77 6.57
C GLN B 108 11.56 -37.00 7.42
N ASP B 109 12.38 -36.19 6.75
CA ASP B 109 13.22 -35.20 7.42
C ASP B 109 12.37 -34.10 8.09
N VAL B 110 11.19 -33.83 7.52
CA VAL B 110 10.30 -32.75 7.98
C VAL B 110 9.12 -33.23 8.84
N LYS B 111 8.76 -34.50 8.70
CA LYS B 111 7.67 -35.09 9.50
C LYS B 111 8.21 -35.56 10.86
N GLU B 112 9.47 -35.23 11.14
CA GLU B 112 10.05 -35.47 12.46
C GLU B 112 10.38 -34.15 13.13
N GLN B 113 10.91 -33.22 12.34
CA GLN B 113 11.10 -31.83 12.73
C GLN B 113 9.81 -31.28 13.34
N MET B 114 8.71 -31.34 12.57
CA MET B 114 7.44 -30.71 12.93
C MET B 114 6.74 -31.35 14.13
N PHE B 115 6.68 -32.69 14.12
CA PHE B 115 6.08 -33.43 15.22
C PHE B 115 6.93 -33.26 16.47
N ASN B 116 8.23 -33.51 16.34
CA ASN B 116 9.16 -33.32 17.45
C ASN B 116 8.92 -31.99 18.13
N GLU B 117 8.90 -30.92 17.32
CA GLU B 117 8.82 -29.56 17.83
C GLU B 117 7.45 -29.22 18.45
N LEU B 118 6.38 -29.33 17.65
CA LEU B 118 5.00 -29.12 18.13
C LEU B 118 4.66 -29.82 19.45
N LEU B 119 5.02 -31.10 19.55
CA LEU B 119 4.67 -31.94 20.71
C LEU B 119 5.57 -31.68 21.90
N THR B 120 6.86 -31.50 21.63
CA THR B 120 7.83 -31.23 22.68
C THR B 120 7.74 -29.80 23.19
N TYR B 121 7.53 -28.82 22.29
CA TYR B 121 7.58 -27.42 22.68
C TYR B 121 6.23 -26.71 22.77
N ASN B 122 5.40 -26.81 21.74
CA ASN B 122 4.11 -26.10 21.72
C ASN B 122 3.05 -26.72 22.63
N ALA B 123 2.83 -28.05 22.49
CA ALA B 123 1.89 -28.86 23.32
C ALA B 123 1.81 -28.63 24.84
N PRO B 124 2.93 -28.72 25.59
CA PRO B 124 2.87 -28.49 27.05
C PRO B 124 2.36 -27.12 27.43
N HIS B 125 2.79 -26.08 26.68
CA HIS B 125 2.24 -24.73 26.81
C HIS B 125 0.72 -24.75 26.59
N LEU B 126 0.27 -25.33 25.47
CA LEU B 126 -1.17 -25.46 25.28
C LEU B 126 -1.85 -26.15 26.44
N MET B 127 -1.18 -27.20 26.94
CA MET B 127 -1.80 -28.05 27.95
C MET B 127 -1.99 -27.26 29.24
N GLN B 128 -0.98 -26.48 29.57
CA GLN B 128 -0.97 -25.63 30.73
C GLN B 128 -1.96 -24.44 30.56
N ASP B 129 -2.07 -23.87 29.35
CA ASP B 129 -3.13 -22.83 29.17
C ASP B 129 -4.51 -23.40 29.42
N LEU B 130 -4.81 -24.58 28.88
CA LEU B 130 -6.16 -25.15 28.97
C LEU B 130 -6.50 -25.51 30.40
N ASP B 131 -5.56 -26.19 31.05
CA ASP B 131 -5.62 -26.49 32.48
C ASP B 131 -5.92 -25.21 33.34
N THR B 132 -5.19 -24.11 33.10
CA THR B 132 -5.46 -22.86 33.82
C THR B 132 -6.87 -22.35 33.44
N TYR B 133 -7.21 -22.42 32.14
CA TYR B 133 -8.48 -21.98 31.63
C TYR B 133 -9.62 -22.69 32.35
N LEU B 134 -9.53 -24.01 32.44
CA LEU B 134 -10.49 -24.86 33.16
C LEU B 134 -10.61 -24.55 34.66
N GLY B 135 -9.48 -24.23 35.29
CA GLY B 135 -9.35 -24.09 36.75
C GLY B 135 -10.05 -25.25 37.43
N GLY B 136 -10.85 -24.98 38.45
CA GLY B 136 -11.49 -26.07 39.21
C GLY B 136 -12.89 -26.32 38.68
N ARG B 137 -13.20 -25.76 37.50
CA ARG B 137 -14.55 -25.95 36.93
C ARG B 137 -14.80 -27.37 36.39
N GLU B 138 -16.06 -27.72 36.23
CA GLU B 138 -16.42 -29.06 35.81
C GLU B 138 -16.32 -29.24 34.28
N TRP B 139 -16.75 -28.22 33.52
CA TRP B 139 -16.64 -28.23 32.04
C TRP B 139 -15.92 -26.98 31.57
N LEU B 140 -15.45 -27.01 30.31
CA LEU B 140 -14.69 -25.89 29.80
C LEU B 140 -15.49 -24.56 29.79
N ILE B 141 -16.77 -24.57 29.32
CA ILE B 141 -17.65 -23.35 29.26
C ILE B 141 -18.96 -23.55 30.10
N GLY B 142 -19.30 -22.57 30.93
CA GLY B 142 -20.52 -22.68 31.77
C GLY B 142 -20.65 -23.83 32.74
N MET B 143 -21.88 -24.20 33.10
CA MET B 143 -22.11 -25.32 34.07
C MET B 143 -22.58 -26.67 33.47
N SER B 144 -22.49 -26.82 32.14
CA SER B 144 -22.85 -28.08 31.56
C SER B 144 -21.95 -28.34 30.32
N VAL B 145 -22.06 -29.54 29.77
CA VAL B 145 -21.25 -29.97 28.64
C VAL B 145 -21.58 -29.17 27.37
N THR B 146 -20.55 -28.90 26.57
CA THR B 146 -20.75 -28.26 25.28
C THR B 146 -19.90 -29.02 24.34
N TRP B 147 -20.06 -28.73 23.06
CA TRP B 147 -19.23 -29.44 22.08
C TRP B 147 -17.75 -29.06 22.09
N ALA B 148 -17.34 -28.01 22.81
CA ALA B 148 -15.89 -27.78 23.10
C ALA B 148 -15.31 -28.85 23.99
N ASP B 149 -16.09 -29.35 24.96
CA ASP B 149 -15.63 -30.52 25.73
C ASP B 149 -15.51 -31.78 24.86
N PHE B 150 -16.46 -32.03 23.97
CA PHE B 150 -16.27 -33.10 22.99
C PHE B 150 -14.96 -32.89 22.19
N TYR B 151 -14.74 -31.67 21.66
CA TYR B 151 -13.54 -31.43 20.83
C TYR B 151 -12.23 -31.68 21.61
N TRP B 152 -12.22 -31.31 22.89
CA TRP B 152 -11.10 -31.57 23.72
C TRP B 152 -10.80 -33.10 23.77
N GLU B 153 -11.81 -33.90 24.08
CA GLU B 153 -11.61 -35.34 24.21
C GLU B 153 -11.08 -35.96 22.89
N ILE B 154 -11.63 -35.54 21.78
CA ILE B 154 -11.32 -36.11 20.47
C ILE B 154 -9.86 -35.78 20.08
N CYS B 155 -9.51 -34.50 20.21
CA CYS B 155 -8.20 -33.95 19.96
C CYS B 155 -7.15 -34.58 20.88
N SER B 156 -7.46 -34.63 22.18
CA SER B 156 -6.43 -35.16 23.06
C SER B 156 -6.24 -36.67 22.73
N THR B 157 -7.32 -37.37 22.37
CA THR B 157 -7.23 -38.83 22.02
C THR B 157 -6.15 -39.05 20.95
N THR B 158 -6.15 -38.26 19.91
CA THR B 158 -5.17 -38.46 18.86
C THR B 158 -3.75 -38.04 19.30
N LEU B 159 -3.63 -36.91 20.02
CA LEU B 159 -2.34 -36.44 20.56
C LEU B 159 -1.63 -37.46 21.48
N LEU B 160 -2.42 -38.11 22.34
CA LEU B 160 -1.98 -39.22 23.17
C LEU B 160 -1.38 -40.42 22.40
N VAL B 161 -1.84 -40.68 21.18
CA VAL B 161 -1.21 -41.68 20.33
C VAL B 161 0.28 -41.37 20.14
N PHE B 162 0.58 -40.11 19.81
CA PHE B 162 1.96 -39.65 19.55
C PHE B 162 2.72 -39.17 20.78
N LYS B 163 2.01 -38.71 21.81
CA LYS B 163 2.65 -38.24 23.02
C LYS B 163 1.91 -38.76 24.22
N PRO B 164 2.21 -40.02 24.61
CA PRO B 164 1.45 -40.71 25.69
C PRO B 164 1.56 -40.13 27.08
N ASP B 165 2.63 -39.39 27.36
CA ASP B 165 2.83 -38.67 28.62
C ASP B 165 2.26 -37.21 28.61
N LEU B 166 1.54 -36.83 27.54
CA LEU B 166 0.90 -35.46 27.40
C LEU B 166 0.37 -34.84 28.69
N LEU B 167 -0.47 -35.59 29.38
CA LEU B 167 -1.23 -35.11 30.53
C LEU B 167 -0.75 -35.55 31.93
N ASP B 168 0.48 -36.06 31.99
CA ASP B 168 1.08 -36.53 33.25
C ASP B 168 0.96 -35.54 34.39
N ASN B 169 1.06 -34.25 34.05
CA ASN B 169 0.92 -33.19 35.04
C ASN B 169 -0.38 -32.46 35.05
N HIS B 170 -1.37 -32.96 34.33
CA HIS B 170 -2.64 -32.24 34.17
C HIS B 170 -3.79 -33.16 34.43
N PRO B 171 -3.90 -33.63 35.69
CA PRO B 171 -4.96 -34.61 36.07
C PRO B 171 -6.39 -34.11 35.85
N ARG B 172 -6.59 -32.79 35.94
CA ARG B 172 -7.93 -32.21 35.68
C ARG B 172 -8.34 -32.35 34.21
N LEU B 173 -7.35 -32.28 33.29
CA LEU B 173 -7.57 -32.52 31.88
C LEU B 173 -7.92 -33.98 31.61
N VAL B 174 -7.28 -34.91 32.31
CA VAL B 174 -7.74 -36.30 32.22
C VAL B 174 -9.15 -36.46 32.79
N THR B 175 -9.45 -35.82 33.92
CA THR B 175 -10.79 -35.90 34.51
C THR B 175 -11.85 -35.36 33.51
N LEU B 176 -11.52 -34.29 32.79
CA LEU B 176 -12.45 -33.80 31.74
C LEU B 176 -12.63 -34.86 30.65
N ARG B 177 -11.53 -35.48 30.20
CA ARG B 177 -11.70 -36.55 29.21
C ARG B 177 -12.57 -37.67 29.76
N LYS B 178 -12.42 -37.99 31.03
CA LYS B 178 -13.17 -39.14 31.57
C LYS B 178 -14.63 -38.79 31.76
N LYS B 179 -14.89 -37.52 32.06
CA LYS B 179 -16.28 -37.01 32.13
C LYS B 179 -17.00 -37.02 30.78
N VAL B 180 -16.29 -36.73 29.66
CA VAL B 180 -16.88 -36.89 28.33
C VAL B 180 -17.14 -38.34 27.97
N GLN B 181 -16.17 -39.23 28.23
CA GLN B 181 -16.31 -40.68 27.91
C GLN B 181 -17.39 -41.40 28.72
N ALA B 182 -17.84 -40.81 29.80
CA ALA B 182 -18.86 -41.42 30.64
C ALA B 182 -20.31 -41.03 30.31
N ILE B 183 -20.51 -39.99 29.51
CA ILE B 183 -21.84 -39.69 29.00
C ILE B 183 -22.31 -40.94 28.22
N PRO B 184 -23.38 -41.62 28.73
CA PRO B 184 -23.91 -42.85 28.11
C PRO B 184 -23.94 -42.87 26.57
N ALA B 185 -24.55 -41.86 25.94
CA ALA B 185 -24.59 -41.87 24.48
C ALA B 185 -23.18 -41.77 23.81
N VAL B 186 -22.19 -41.19 24.51
CA VAL B 186 -20.84 -41.05 23.94
C VAL B 186 -20.04 -42.36 24.19
N ALA B 187 -20.10 -42.86 25.42
CA ALA B 187 -19.64 -44.25 25.74
C ALA B 187 -20.08 -45.24 24.66
N ASN B 188 -21.38 -45.21 24.37
CA ASN B 188 -21.95 -46.19 23.50
C ASN B 188 -21.23 -46.05 22.15
N TRP B 189 -21.03 -44.79 21.74
CA TRP B 189 -20.34 -44.45 20.47
C TRP B 189 -18.87 -44.91 20.47
N ILE B 190 -18.11 -44.58 21.51
CA ILE B 190 -16.70 -44.98 21.59
C ILE B 190 -16.51 -46.52 21.47
N LYS B 191 -17.29 -47.26 22.28
CA LYS B 191 -17.34 -48.73 22.26
C LYS B 191 -17.66 -49.38 20.92
N ARG B 192 -18.56 -48.78 20.12
CA ARG B 192 -19.02 -49.41 18.88
C ARG B 192 -18.39 -48.90 17.54
N ARG B 193 -17.63 -47.79 17.62
CA ARG B 193 -17.02 -47.23 16.42
C ARG B 193 -15.85 -48.06 15.89
N PRO B 194 -15.57 -47.94 14.59
CA PRO B 194 -14.42 -48.67 14.03
C PRO B 194 -13.10 -48.25 14.69
N GLN B 195 -12.26 -49.23 15.04
CA GLN B 195 -10.98 -48.92 15.72
C GLN B 195 -9.95 -48.54 14.68
N THR B 196 -9.54 -47.26 14.68
CA THR B 196 -8.59 -46.70 13.70
C THR B 196 -7.50 -45.96 14.47
N LYS B 197 -6.34 -45.79 13.88
CA LYS B 197 -5.28 -45.06 14.58
C LYS B 197 -5.68 -43.56 14.79
N LEU B 198 -6.06 -42.88 13.70
CA LEU B 198 -6.45 -41.46 13.67
C LEU B 198 -7.96 -41.27 13.50
N PRO C 1 -22.20 -2.52 25.20
CA PRO C 1 -20.96 -2.67 26.03
C PRO C 1 -19.83 -1.73 25.67
N ASN C 2 -18.79 -1.66 26.51
CA ASN C 2 -17.52 -1.06 26.21
C ASN C 2 -16.61 -2.15 25.61
N TYR C 3 -15.96 -1.83 24.49
CA TYR C 3 -15.23 -2.77 23.66
C TYR C 3 -13.78 -2.30 23.56
N LYS C 4 -12.83 -3.19 23.88
CA LYS C 4 -11.42 -2.85 23.59
C LYS C 4 -10.84 -3.97 22.80
N LEU C 5 -10.47 -3.69 21.56
CA LEU C 5 -9.79 -4.69 20.71
C LEU C 5 -8.26 -4.54 20.81
N THR C 6 -7.54 -5.64 21.08
CA THR C 6 -6.08 -5.63 21.17
C THR C 6 -5.42 -6.43 20.01
N TYR C 7 -4.57 -5.76 19.26
CA TYR C 7 -3.81 -6.40 18.17
C TYR C 7 -2.54 -5.62 17.87
N PHE C 8 -1.70 -6.12 16.94
CA PHE C 8 -0.52 -5.37 16.47
C PHE C 8 -1.04 -4.22 15.62
N ASN C 9 -0.19 -3.24 15.25
CA ASN C 9 -0.55 -2.26 14.25
C ASN C 9 -0.40 -2.91 12.87
N MET C 10 -1.45 -3.63 12.48
CA MET C 10 -1.47 -4.48 11.31
C MET C 10 -2.97 -4.75 11.02
N ARG C 11 -3.28 -5.00 9.76
CA ARG C 11 -4.64 -5.48 9.49
C ARG C 11 -4.71 -6.88 9.99
N GLY C 12 -3.93 -7.80 9.38
CA GLY C 12 -3.88 -9.18 9.87
C GLY C 12 -5.20 -9.82 10.29
N ARG C 13 -5.16 -10.50 11.44
CA ARG C 13 -6.31 -11.27 11.88
C ARG C 13 -7.34 -10.45 12.62
N ALA C 14 -7.05 -9.17 12.90
CA ALA C 14 -8.01 -8.33 13.60
C ALA C 14 -8.94 -7.66 12.59
N GLU C 15 -8.55 -7.66 11.31
CA GLU C 15 -9.13 -6.68 10.41
C GLU C 15 -10.59 -7.02 10.17
N ILE C 16 -10.93 -8.32 10.18
CA ILE C 16 -12.30 -8.82 10.06
C ILE C 16 -13.20 -8.24 11.20
N ILE C 17 -12.67 -8.15 12.40
CA ILE C 17 -13.41 -7.49 13.49
C ILE C 17 -13.62 -5.99 13.28
N ARG C 18 -12.56 -5.31 12.90
CA ARG C 18 -12.63 -3.87 12.54
C ARG C 18 -13.61 -3.55 11.41
N TYR C 19 -13.75 -4.41 10.38
CA TYR C 19 -14.80 -4.14 9.36
C TYR C 19 -16.16 -4.26 9.94
N ILE C 20 -16.38 -5.26 10.82
CA ILE C 20 -17.71 -5.49 11.42
C ILE C 20 -18.12 -4.31 12.26
N PHE C 21 -17.24 -3.81 13.13
CA PHE C 21 -17.53 -2.57 13.86
C PHE C 21 -17.88 -1.39 12.99
N ALA C 22 -17.07 -1.17 11.92
CA ALA C 22 -17.34 -0.08 10.98
C ALA C 22 -18.72 -0.22 10.32
N TYR C 23 -19.01 -1.41 9.83
CA TYR C 23 -20.30 -1.63 9.15
C TYR C 23 -21.51 -1.41 10.11
N LEU C 24 -21.39 -1.89 11.31
CA LEU C 24 -22.50 -1.81 12.26
C LEU C 24 -22.52 -0.45 12.98
N ASP C 25 -21.53 0.36 12.73
CA ASP C 25 -21.41 1.74 13.31
C ASP C 25 -21.30 1.67 14.84
N ILE C 26 -20.42 0.79 15.28
CA ILE C 26 -20.17 0.59 16.71
C ILE C 26 -18.85 1.18 17.17
N GLN C 27 -18.89 1.96 18.27
CA GLN C 27 -17.63 2.51 18.76
C GLN C 27 -16.78 1.48 19.48
N TYR C 28 -15.45 1.58 19.38
CA TYR C 28 -14.64 0.66 20.18
C TYR C 28 -13.24 1.25 20.31
N GLU C 29 -12.46 0.73 21.26
CA GLU C 29 -11.07 1.09 21.37
C GLU C 29 -10.17 0.16 20.56
N ASP C 30 -9.54 0.71 19.52
CA ASP C 30 -8.70 -0.05 18.60
C ASP C 30 -7.26 0.08 19.14
N HIS C 31 -6.92 -0.74 20.11
CA HIS C 31 -5.60 -0.71 20.77
C HIS C 31 -4.56 -1.49 19.94
N ARG C 32 -3.56 -0.78 19.45
CA ARG C 32 -2.53 -1.35 18.64
C ARG C 32 -1.23 -1.37 19.38
N ILE C 33 -0.73 -2.57 19.68
CA ILE C 33 0.53 -2.66 20.47
C ILE C 33 1.78 -2.81 19.55
N GLU C 34 2.95 -2.53 20.14
CA GLU C 34 4.27 -2.63 19.50
C GLU C 34 4.94 -3.96 19.83
N GLN C 35 5.84 -4.41 18.98
CA GLN C 35 6.66 -5.56 19.30
C GLN C 35 7.09 -5.54 20.81
N ALA C 36 7.55 -4.40 21.27
CA ALA C 36 8.21 -4.34 22.57
C ALA C 36 7.22 -4.46 23.73
N ASP C 37 5.91 -4.46 23.44
CA ASP C 37 4.90 -4.55 24.49
C ASP C 37 4.52 -6.01 24.68
N TRP C 38 4.96 -6.86 23.74
CA TRP C 38 4.33 -8.17 23.57
C TRP C 38 4.46 -9.11 24.79
N PRO C 39 5.65 -9.17 25.44
CA PRO C 39 5.68 -10.05 26.62
C PRO C 39 4.81 -9.64 27.81
N GLU C 40 4.61 -8.35 28.00
CA GLU C 40 3.71 -7.85 29.01
C GLU C 40 2.24 -8.14 28.57
N ILE C 41 1.92 -7.88 27.30
CA ILE C 41 0.55 -8.15 26.80
C ILE C 41 0.26 -9.68 26.90
N LYS C 42 1.21 -10.51 26.44
CA LYS C 42 1.02 -11.99 26.38
C LYS C 42 0.72 -12.64 27.74
N SER C 43 1.26 -12.10 28.84
CA SER C 43 0.95 -12.63 30.19
C SER C 43 -0.53 -12.49 30.58
N THR C 44 -1.28 -11.64 29.89
CA THR C 44 -2.69 -11.39 30.25
C THR C 44 -3.70 -12.27 29.45
N LEU C 45 -3.19 -12.87 28.36
CA LEU C 45 -3.95 -13.58 27.37
C LEU C 45 -4.28 -15.04 27.77
N PRO C 46 -5.49 -15.49 27.41
CA PRO C 46 -5.84 -16.88 27.82
C PRO C 46 -4.98 -17.97 27.16
N PHE C 47 -4.58 -17.77 25.90
CA PHE C 47 -3.83 -18.81 25.17
C PHE C 47 -2.64 -18.26 24.44
N GLY C 48 -2.19 -17.08 24.86
CA GLY C 48 -0.94 -16.53 24.39
C GLY C 48 -1.13 -15.91 23.00
N LYS C 49 -2.37 -15.59 22.60
CA LYS C 49 -2.58 -15.06 21.23
C LYS C 49 -3.47 -13.86 21.22
N ILE C 50 -3.19 -12.97 20.25
CA ILE C 50 -4.11 -11.90 19.84
C ILE C 50 -4.66 -12.15 18.41
N PRO C 51 -5.79 -11.56 18.06
CA PRO C 51 -6.54 -10.56 18.78
C PRO C 51 -7.32 -11.11 20.03
N ILE C 52 -7.57 -10.23 20.99
CA ILE C 52 -8.55 -10.44 21.98
C ILE C 52 -9.51 -9.24 21.87
N LEU C 53 -10.75 -9.39 22.36
CA LEU C 53 -11.64 -8.30 22.46
C LEU C 53 -12.17 -8.35 23.90
N GLU C 54 -12.02 -7.25 24.62
CA GLU C 54 -12.58 -7.16 26.00
C GLU C 54 -13.94 -6.57 25.89
N VAL C 55 -14.93 -7.15 26.58
CA VAL C 55 -16.31 -6.72 26.42
C VAL C 55 -16.84 -6.50 27.86
N ASP C 56 -17.04 -5.28 28.28
CA ASP C 56 -17.39 -5.00 29.72
C ASP C 56 -16.50 -5.76 30.75
N GLY C 57 -15.18 -5.67 30.57
CA GLY C 57 -14.23 -6.36 31.46
C GLY C 57 -14.04 -7.86 31.28
N LEU C 58 -14.71 -8.50 30.32
CA LEU C 58 -14.46 -9.95 30.10
C LEU C 58 -13.76 -10.20 28.77
N THR C 59 -12.89 -11.20 28.71
CA THR C 59 -12.02 -11.33 27.52
C THR C 59 -12.60 -12.34 26.50
N LEU C 60 -12.72 -11.93 25.25
CA LEU C 60 -12.97 -12.94 24.20
C LEU C 60 -11.69 -13.13 23.40
N HIS C 61 -11.51 -14.31 22.81
CA HIS C 61 -10.36 -14.55 21.99
C HIS C 61 -10.74 -15.33 20.73
N GLN C 62 -9.79 -15.40 19.79
CA GLN C 62 -9.97 -16.02 18.46
C GLN C 62 -10.72 -15.14 17.50
N SER C 63 -10.02 -14.64 16.47
CA SER C 63 -10.64 -13.69 15.62
C SER C 63 -11.95 -14.10 14.95
N LEU C 64 -12.09 -15.36 14.50
CA LEU C 64 -13.33 -15.76 13.81
C LEU C 64 -14.43 -15.99 14.80
N ALA C 65 -14.09 -16.54 15.96
CA ALA C 65 -15.08 -16.65 17.06
C ALA C 65 -15.63 -15.28 17.45
N ILE C 66 -14.74 -14.28 17.57
CA ILE C 66 -15.16 -12.90 17.87
C ILE C 66 -16.02 -12.28 16.75
N ALA C 67 -15.58 -12.44 15.50
CA ALA C 67 -16.31 -11.90 14.40
C ALA C 67 -17.72 -12.48 14.38
N ARG C 68 -17.86 -13.80 14.62
CA ARG C 68 -19.17 -14.44 14.59
C ARG C 68 -20.08 -13.90 15.72
N TYR C 69 -19.46 -13.62 16.88
CA TYR C 69 -20.18 -13.09 18.03
C TYR C 69 -20.74 -11.72 17.67
N LEU C 70 -19.95 -10.87 17.01
CA LEU C 70 -20.41 -9.50 16.76
C LEU C 70 -21.48 -9.45 15.67
N THR C 71 -21.53 -10.49 14.84
CA THR C 71 -22.53 -10.51 13.76
C THR C 71 -23.87 -11.15 14.12
N LYS C 72 -23.92 -11.81 15.27
CA LYS C 72 -25.16 -12.50 15.70
C LYS C 72 -26.32 -11.52 15.80
N ASN C 73 -27.45 -11.92 15.22
CA ASN C 73 -28.66 -11.11 15.16
C ASN C 73 -28.43 -9.84 14.33
N THR C 74 -27.63 -9.90 13.24
CA THR C 74 -27.41 -8.69 12.41
C THR C 74 -27.59 -9.13 10.96
N ASP C 75 -27.72 -8.20 10.02
CA ASP C 75 -27.87 -8.58 8.60
C ASP C 75 -26.58 -9.25 8.04
N LEU C 76 -25.46 -9.17 8.78
CA LEU C 76 -24.17 -9.73 8.27
C LEU C 76 -24.10 -11.24 8.47
N ALA C 77 -24.98 -11.78 9.33
CA ALA C 77 -24.94 -13.20 9.73
C ALA C 77 -25.26 -14.29 8.68
N GLY C 78 -26.15 -13.98 7.77
CA GLY C 78 -26.73 -15.04 6.91
C GLY C 78 -28.20 -15.08 7.32
N ASN C 79 -29.10 -15.23 6.38
CA ASN C 79 -30.53 -15.05 6.67
C ASN C 79 -31.32 -16.24 7.22
N THR C 80 -30.75 -17.44 7.15
CA THR C 80 -31.32 -18.70 7.64
C THR C 80 -30.17 -19.54 8.25
N GLU C 81 -30.55 -20.59 8.99
CA GLU C 81 -29.60 -21.46 9.65
C GLU C 81 -28.68 -22.04 8.59
N MET C 82 -29.25 -22.43 7.45
CA MET C 82 -28.42 -23.01 6.41
C MET C 82 -27.43 -22.00 5.82
N GLU C 83 -27.88 -20.79 5.58
CA GLU C 83 -26.98 -19.81 4.96
C GLU C 83 -25.89 -19.47 6.00
N GLN C 84 -26.26 -19.44 7.31
CA GLN C 84 -25.30 -19.21 8.36
C GLN C 84 -24.19 -20.27 8.32
N CYS C 85 -24.59 -21.52 8.07
CA CYS C 85 -23.63 -22.60 7.93
C CYS C 85 -22.69 -22.36 6.75
N HIS C 86 -23.23 -21.96 5.60
CA HIS C 86 -22.43 -21.58 4.41
C HIS C 86 -21.48 -20.38 4.62
N VAL C 87 -21.96 -19.38 5.36
CA VAL C 87 -21.11 -18.23 5.68
C VAL C 87 -19.94 -18.74 6.51
N ASP C 88 -20.21 -19.51 7.53
CA ASP C 88 -19.11 -20.07 8.30
C ASP C 88 -18.16 -20.88 7.46
N ALA C 89 -18.73 -21.72 6.57
CA ALA C 89 -17.89 -22.64 5.80
C ALA C 89 -16.94 -21.90 4.81
N ILE C 90 -17.44 -20.84 4.20
CA ILE C 90 -16.64 -20.02 3.26
C ILE C 90 -15.53 -19.38 4.09
N VAL C 91 -15.88 -18.86 5.30
CA VAL C 91 -14.90 -18.20 6.13
C VAL C 91 -13.81 -19.23 6.50
N ASP C 92 -14.20 -20.45 6.91
CA ASP C 92 -13.18 -21.44 7.31
C ASP C 92 -12.33 -21.89 6.09
N THR C 93 -12.92 -21.96 4.92
CA THR C 93 -12.17 -22.34 3.73
C THR C 93 -11.05 -21.32 3.42
N LEU C 94 -11.41 -20.03 3.50
CA LEU C 94 -10.41 -18.98 3.38
C LEU C 94 -9.33 -19.05 4.49
N ASP C 95 -9.78 -19.28 5.72
CA ASP C 95 -8.89 -19.24 6.88
C ASP C 95 -7.87 -20.37 6.78
N ASP C 96 -8.31 -21.56 6.36
CA ASP C 96 -7.45 -22.73 6.20
C ASP C 96 -6.36 -22.37 5.20
N PHE C 97 -6.73 -21.78 4.07
CA PHE C 97 -5.66 -21.35 3.16
C PHE C 97 -4.71 -20.30 3.74
N MET C 98 -5.21 -19.20 4.31
CA MET C 98 -4.34 -18.23 4.98
C MET C 98 -3.33 -18.86 6.00
N SER C 99 -3.82 -19.84 6.79
CA SER C 99 -2.97 -20.57 7.77
C SER C 99 -1.91 -21.50 7.18
N CYS C 100 -1.95 -21.79 5.88
CA CYS C 100 -0.82 -22.52 5.21
C CYS C 100 0.47 -21.71 5.15
N PHE C 101 0.38 -20.39 5.12
CA PHE C 101 1.54 -19.53 4.97
C PHE C 101 2.46 -19.53 6.21
N PRO C 102 3.78 -19.69 6.01
CA PRO C 102 4.70 -19.69 7.18
C PRO C 102 4.95 -18.30 7.62
N TRP C 103 3.93 -17.62 8.15
CA TRP C 103 4.00 -16.19 8.59
C TRP C 103 5.18 -15.88 9.53
N ALA C 104 5.59 -16.86 10.32
CA ALA C 104 6.61 -16.65 11.36
C ALA C 104 8.06 -17.09 10.95
N GLU C 105 8.19 -17.81 9.82
CA GLU C 105 9.48 -18.33 9.35
C GLU C 105 10.53 -17.24 9.42
N LYS C 106 11.63 -17.55 10.10
CA LYS C 106 12.62 -16.50 10.40
C LYS C 106 13.52 -16.29 9.19
N LYS C 107 13.86 -17.38 8.50
CA LYS C 107 14.66 -17.31 7.29
C LYS C 107 13.88 -16.73 6.11
N GLN C 108 14.21 -15.51 5.75
CA GLN C 108 13.58 -14.75 4.70
C GLN C 108 13.50 -15.55 3.40
N ASP C 109 14.62 -16.10 2.96
CA ASP C 109 14.68 -16.80 1.69
C ASP C 109 13.80 -18.08 1.66
N VAL C 110 13.75 -18.84 2.76
CA VAL C 110 12.87 -20.00 2.87
C VAL C 110 11.38 -19.53 2.92
N LYS C 111 11.08 -18.47 3.68
CA LYS C 111 9.70 -17.90 3.74
C LYS C 111 9.20 -17.57 2.34
N GLU C 112 10.04 -16.84 1.58
CA GLU C 112 9.74 -16.32 0.28
C GLU C 112 9.45 -17.39 -0.72
N GLN C 113 10.33 -18.41 -0.77
CA GLN C 113 10.07 -19.54 -1.60
C GLN C 113 8.71 -20.18 -1.31
N MET C 114 8.42 -20.41 -0.04
CA MET C 114 7.17 -21.14 0.24
C MET C 114 5.94 -20.32 -0.12
N PHE C 115 5.95 -19.00 0.19
CA PHE C 115 4.88 -18.08 -0.25
C PHE C 115 4.66 -18.18 -1.76
N ASN C 116 5.74 -18.08 -2.52
CA ASN C 116 5.66 -18.17 -3.97
C ASN C 116 5.11 -19.48 -4.46
N GLU C 117 5.52 -20.61 -3.86
CA GLU C 117 4.95 -21.90 -4.27
C GLU C 117 3.42 -22.01 -3.92
N LEU C 118 3.04 -21.65 -2.70
CA LEU C 118 1.61 -21.65 -2.30
C LEU C 118 0.78 -20.82 -3.27
N LEU C 119 1.29 -19.63 -3.61
CA LEU C 119 0.52 -18.72 -4.44
C LEU C 119 0.46 -19.16 -5.93
N THR C 120 1.47 -19.88 -6.39
CA THR C 120 1.55 -20.37 -7.78
C THR C 120 0.84 -21.77 -7.93
N TYR C 121 1.13 -22.71 -7.05
CA TYR C 121 0.69 -24.09 -7.22
C TYR C 121 -0.64 -24.33 -6.46
N ASN C 122 -0.92 -23.60 -5.37
CA ASN C 122 -2.17 -23.93 -4.63
C ASN C 122 -3.29 -22.96 -4.79
N ALA C 123 -2.94 -21.67 -4.72
CA ALA C 123 -3.97 -20.63 -4.79
C ALA C 123 -4.90 -20.67 -6.06
N PRO C 124 -4.34 -20.93 -7.28
CA PRO C 124 -5.27 -20.95 -8.41
C PRO C 124 -6.46 -21.96 -8.25
N HIS C 125 -6.24 -23.10 -7.61
CA HIS C 125 -7.31 -24.07 -7.40
C HIS C 125 -8.42 -23.54 -6.48
N LEU C 126 -8.03 -22.80 -5.44
CA LEU C 126 -9.00 -22.20 -4.52
C LEU C 126 -9.73 -21.08 -5.28
N MET C 127 -8.98 -20.29 -6.04
CA MET C 127 -9.58 -19.12 -6.70
C MET C 127 -10.64 -19.65 -7.69
N GLN C 128 -10.32 -20.77 -8.36
CA GLN C 128 -11.32 -21.35 -9.27
C GLN C 128 -12.53 -21.91 -8.52
N ASP C 129 -12.33 -22.61 -7.39
CA ASP C 129 -13.44 -23.13 -6.57
C ASP C 129 -14.36 -21.98 -6.10
N LEU C 130 -13.78 -20.86 -5.64
CA LEU C 130 -14.53 -19.66 -5.22
C LEU C 130 -15.35 -19.01 -6.37
N ASP C 131 -14.75 -18.85 -7.55
CA ASP C 131 -15.40 -18.31 -8.75
C ASP C 131 -16.61 -19.18 -9.11
N THR C 132 -16.38 -20.47 -9.21
CA THR C 132 -17.45 -21.39 -9.52
C THR C 132 -18.58 -21.28 -8.46
N TYR C 133 -18.22 -21.30 -7.18
CA TYR C 133 -19.21 -21.16 -6.08
C TYR C 133 -20.04 -19.89 -6.21
N LEU C 134 -19.37 -18.77 -6.47
CA LEU C 134 -20.02 -17.50 -6.66
C LEU C 134 -20.91 -17.45 -7.93
N GLY C 135 -20.46 -18.09 -9.02
CA GLY C 135 -21.16 -17.99 -10.32
C GLY C 135 -21.54 -16.57 -10.65
N GLY C 136 -22.78 -16.32 -11.07
CA GLY C 136 -23.13 -14.90 -11.40
C GLY C 136 -23.87 -14.13 -10.32
N ARG C 137 -23.92 -14.71 -9.12
CA ARG C 137 -24.62 -14.04 -7.97
C ARG C 137 -23.87 -12.79 -7.52
N GLU C 138 -24.58 -11.92 -6.81
CA GLU C 138 -23.99 -10.68 -6.40
C GLU C 138 -23.01 -10.83 -5.19
N TRP C 139 -23.33 -11.73 -4.26
CA TRP C 139 -22.55 -11.88 -3.02
C TRP C 139 -22.35 -13.37 -2.86
N LEU C 140 -21.46 -13.79 -1.96
CA LEU C 140 -21.15 -15.17 -1.84
C LEU C 140 -22.31 -16.00 -1.32
N ILE C 141 -23.05 -15.46 -0.35
CA ILE C 141 -24.14 -16.23 0.28
C ILE C 141 -25.42 -15.42 0.27
N GLY C 142 -26.49 -15.99 -0.31
CA GLY C 142 -27.78 -15.27 -0.28
C GLY C 142 -27.86 -14.01 -1.12
N MET C 143 -28.64 -13.04 -0.70
CA MET C 143 -28.97 -11.93 -1.61
C MET C 143 -28.45 -10.61 -1.12
N SER C 144 -27.78 -10.63 0.05
CA SER C 144 -27.17 -9.47 0.58
C SER C 144 -25.79 -9.83 1.25
N VAL C 145 -25.01 -8.81 1.55
CA VAL C 145 -23.61 -8.96 1.96
C VAL C 145 -23.58 -9.68 3.33
N THR C 146 -22.59 -10.54 3.51
CA THR C 146 -22.38 -11.15 4.81
C THR C 146 -20.91 -10.91 5.16
N TRP C 147 -20.53 -11.25 6.38
CA TRP C 147 -19.14 -11.13 6.75
C TRP C 147 -18.27 -12.14 5.97
N ALA C 148 -18.82 -13.17 5.33
CA ALA C 148 -17.98 -13.93 4.36
C ALA C 148 -17.42 -13.07 3.22
N ASP C 149 -18.25 -12.18 2.66
CA ASP C 149 -17.79 -11.22 1.64
C ASP C 149 -16.67 -10.29 2.20
N PHE C 150 -16.88 -9.77 3.44
CA PHE C 150 -15.78 -9.02 4.10
C PHE C 150 -14.50 -9.84 4.16
N TYR C 151 -14.60 -11.08 4.61
CA TYR C 151 -13.37 -11.85 4.80
C TYR C 151 -12.72 -12.15 3.42
N TRP C 152 -13.52 -12.36 2.39
CA TRP C 152 -12.94 -12.55 1.02
C TRP C 152 -12.12 -11.30 0.69
N GLU C 153 -12.69 -10.13 0.96
CA GLU C 153 -12.02 -8.92 0.56
C GLU C 153 -10.72 -8.74 1.32
N ILE C 154 -10.77 -9.02 2.64
CA ILE C 154 -9.61 -8.89 3.49
C ILE C 154 -8.51 -9.86 3.12
N CYS C 155 -8.85 -11.14 3.00
CA CYS C 155 -7.86 -12.15 2.65
C CYS C 155 -7.25 -11.87 1.28
N SER C 156 -8.11 -11.60 0.30
CA SER C 156 -7.60 -11.31 -1.04
C SER C 156 -6.76 -10.00 -1.08
N THR C 157 -7.06 -9.02 -0.22
CA THR C 157 -6.19 -7.84 -0.21
C THR C 157 -4.78 -8.24 0.16
N THR C 158 -4.67 -9.10 1.17
CA THR C 158 -3.29 -9.48 1.58
C THR C 158 -2.53 -10.37 0.53
N LEU C 159 -3.22 -11.35 -0.04
CA LEU C 159 -2.65 -12.21 -1.09
C LEU C 159 -2.19 -11.42 -2.30
N LEU C 160 -2.97 -10.39 -2.69
CA LEU C 160 -2.64 -9.56 -3.84
C LEU C 160 -1.32 -8.79 -3.63
N VAL C 161 -0.98 -8.50 -2.36
CA VAL C 161 0.36 -7.95 -2.01
C VAL C 161 1.47 -8.88 -2.53
N PHE C 162 1.32 -10.20 -2.37
CA PHE C 162 2.43 -11.09 -2.79
C PHE C 162 2.27 -11.67 -4.16
N LYS C 163 1.04 -11.69 -4.67
CA LYS C 163 0.71 -12.19 -6.00
C LYS C 163 -0.29 -11.26 -6.72
N PRO C 164 0.21 -10.14 -7.37
CA PRO C 164 -0.58 -9.11 -8.05
C PRO C 164 -1.52 -9.63 -9.12
N ASP C 165 -1.16 -10.73 -9.78
CA ASP C 165 -2.02 -11.26 -10.84
C ASP C 165 -2.94 -12.42 -10.37
N LEU C 166 -3.00 -12.59 -9.05
CA LEU C 166 -3.84 -13.60 -8.37
C LEU C 166 -5.20 -13.71 -9.07
N LEU C 167 -5.80 -12.55 -9.36
CA LEU C 167 -7.19 -12.59 -9.77
C LEU C 167 -7.37 -12.31 -11.30
N ASP C 168 -6.28 -12.29 -12.05
CA ASP C 168 -6.40 -11.95 -13.49
C ASP C 168 -7.37 -12.81 -14.31
N ASN C 169 -7.49 -14.11 -14.00
CA ASN C 169 -8.47 -14.99 -14.63
C ASN C 169 -9.83 -14.97 -13.90
N HIS C 170 -10.05 -14.09 -12.94
CA HIS C 170 -11.33 -14.14 -12.22
C HIS C 170 -11.94 -12.79 -11.98
N PRO C 171 -12.40 -12.12 -13.05
CA PRO C 171 -12.97 -10.78 -12.92
C PRO C 171 -14.20 -10.67 -11.97
N ARG C 172 -14.96 -11.75 -11.82
CA ARG C 172 -16.14 -11.76 -10.95
C ARG C 172 -15.68 -11.66 -9.47
N LEU C 173 -14.49 -12.20 -9.20
CA LEU C 173 -13.94 -12.13 -7.83
C LEU C 173 -13.45 -10.73 -7.51
N VAL C 174 -12.97 -10.01 -8.54
CA VAL C 174 -12.57 -8.62 -8.46
C VAL C 174 -13.81 -7.72 -8.25
N THR C 175 -14.88 -8.00 -8.99
CA THR C 175 -16.11 -7.24 -8.86
C THR C 175 -16.64 -7.31 -7.40
N LEU C 176 -16.58 -8.48 -6.79
CA LEU C 176 -17.02 -8.67 -5.40
C LEU C 176 -16.14 -7.84 -4.46
N ARG C 177 -14.81 -7.86 -4.64
CA ARG C 177 -13.94 -6.97 -3.86
C ARG C 177 -14.40 -5.53 -3.99
N LYS C 178 -14.59 -5.05 -5.22
CA LYS C 178 -15.07 -3.69 -5.45
C LYS C 178 -16.42 -3.34 -4.79
N LYS C 179 -17.37 -4.25 -4.83
CA LYS C 179 -18.67 -4.05 -4.13
C LYS C 179 -18.52 -3.95 -2.59
N VAL C 180 -17.71 -4.83 -2.00
CA VAL C 180 -17.38 -4.68 -0.56
C VAL C 180 -16.74 -3.33 -0.27
N GLN C 181 -15.73 -2.96 -1.08
CA GLN C 181 -14.97 -1.72 -0.83
C GLN C 181 -15.84 -0.47 -1.11
N ALA C 182 -16.92 -0.59 -1.87
CA ALA C 182 -17.81 0.57 -2.11
C ALA C 182 -18.93 0.78 -1.05
N ILE C 183 -19.19 -0.23 -0.21
CA ILE C 183 -20.19 -0.07 0.89
C ILE C 183 -19.73 1.18 1.67
N PRO C 184 -20.58 2.24 1.83
CA PRO C 184 -19.96 3.49 2.37
C PRO C 184 -19.25 3.39 3.74
N ALA C 185 -19.78 2.62 4.70
CA ALA C 185 -19.11 2.58 6.02
C ALA C 185 -17.77 1.82 5.88
N VAL C 186 -17.72 0.88 4.94
CA VAL C 186 -16.47 0.12 4.73
C VAL C 186 -15.41 0.99 4.01
N ALA C 187 -15.82 1.63 2.92
CA ALA C 187 -14.96 2.64 2.22
C ALA C 187 -14.42 3.68 3.19
N ASN C 188 -15.27 4.18 4.10
CA ASN C 188 -14.77 5.13 5.10
C ASN C 188 -13.67 4.50 5.96
N TRP C 189 -13.88 3.26 6.44
CA TRP C 189 -12.83 2.62 7.30
C TRP C 189 -11.52 2.40 6.45
N ILE C 190 -11.63 1.89 5.22
CA ILE C 190 -10.47 1.61 4.31
C ILE C 190 -9.67 2.85 4.07
N LYS C 191 -10.34 3.98 3.89
CA LYS C 191 -9.67 5.27 3.69
C LYS C 191 -8.96 5.79 4.97
N ARG C 192 -9.54 5.52 6.13
CA ARG C 192 -9.03 6.15 7.36
C ARG C 192 -8.04 5.30 8.12
N ARG C 193 -8.09 3.98 7.97
CA ARG C 193 -7.22 3.07 8.80
C ARG C 193 -5.71 3.33 8.62
N PRO C 194 -4.86 2.94 9.62
CA PRO C 194 -3.43 3.10 9.50
C PRO C 194 -3.00 2.27 8.27
N GLN C 195 -2.13 2.86 7.44
CA GLN C 195 -1.56 2.11 6.31
C GLN C 195 -0.40 1.22 6.72
N THR C 196 -0.58 -0.10 6.58
CA THR C 196 0.36 -1.14 7.05
C THR C 196 0.52 -2.19 5.93
N LYS C 197 1.71 -2.79 5.84
CA LYS C 197 1.95 -3.76 4.80
C LYS C 197 0.90 -4.91 4.88
N LEU C 198 0.78 -5.50 6.06
CA LEU C 198 -0.13 -6.60 6.32
C LEU C 198 -1.25 -6.20 7.29
N PRO D 1 1.16 10.40 8.39
CA PRO D 1 -0.05 10.62 7.63
C PRO D 1 -0.44 9.40 6.81
N ASN D 2 -1.63 9.40 6.25
CA ASN D 2 -2.06 8.45 5.24
C ASN D 2 -1.67 9.09 3.91
N TYR D 3 -1.11 8.28 2.98
CA TYR D 3 -0.49 8.74 1.71
C TYR D 3 -1.21 8.07 0.56
N LYS D 4 -1.75 8.83 -0.38
CA LYS D 4 -2.21 8.09 -1.60
C LYS D 4 -1.57 8.70 -2.85
N LEU D 5 -0.74 7.93 -3.54
CA LEU D 5 -0.12 8.42 -4.80
C LEU D 5 -0.99 7.99 -6.02
N THR D 6 -1.29 8.96 -6.87
CA THR D 6 -2.10 8.72 -8.08
C THR D 6 -1.24 8.96 -9.35
N TYR D 7 -1.17 7.95 -10.21
CA TYR D 7 -0.42 8.05 -11.50
C TYR D 7 -0.89 6.93 -12.44
N PHE D 8 -0.35 6.87 -13.67
CA PHE D 8 -0.63 5.75 -14.61
C PHE D 8 0.10 4.55 -14.12
N ASN D 9 -0.19 3.37 -14.70
CA ASN D 9 0.65 2.19 -14.43
C ASN D 9 1.87 2.33 -15.30
N MET D 10 2.81 3.15 -14.84
CA MET D 10 4.09 3.38 -15.49
C MET D 10 5.05 3.84 -14.41
N ARG D 11 6.33 3.80 -14.76
CA ARG D 11 7.31 4.44 -13.87
C ARG D 11 7.15 5.96 -14.01
N GLY D 12 7.49 6.47 -15.20
CA GLY D 12 7.32 7.89 -15.51
C GLY D 12 7.73 8.84 -14.36
N ARG D 13 6.92 9.84 -14.16
CA ARG D 13 7.26 10.95 -13.30
C ARG D 13 6.87 10.61 -11.84
N ALA D 14 6.29 9.42 -11.60
CA ALA D 14 5.90 9.07 -10.22
C ALA D 14 7.08 8.30 -9.62
N GLU D 15 7.96 7.76 -10.46
CA GLU D 15 8.88 6.74 -9.96
C GLU D 15 9.81 7.31 -8.85
N ILE D 16 10.13 8.60 -8.92
CA ILE D 16 11.04 9.28 -8.01
C ILE D 16 10.38 9.28 -6.59
N ILE D 17 9.07 9.49 -6.55
CA ILE D 17 8.30 9.41 -5.26
C ILE D 17 8.32 7.96 -4.76
N ARG D 18 8.01 7.00 -5.63
CA ARG D 18 8.11 5.56 -5.23
C ARG D 18 9.44 5.15 -4.67
N TYR D 19 10.56 5.64 -5.23
CA TYR D 19 11.86 5.25 -4.67
C TYR D 19 12.01 5.85 -3.30
N ILE D 20 11.50 7.05 -3.13
CA ILE D 20 11.77 7.73 -1.85
C ILE D 20 10.96 7.05 -0.74
N PHE D 21 9.70 6.71 -1.02
CA PHE D 21 8.91 5.86 -0.05
C PHE D 21 9.58 4.51 0.28
N ALA D 22 10.09 3.82 -0.76
CA ALA D 22 10.88 2.57 -0.53
C ALA D 22 12.07 2.73 0.43
N TYR D 23 12.90 3.71 0.12
CA TYR D 23 14.17 3.93 0.83
C TYR D 23 13.87 4.25 2.29
N LEU D 24 12.88 5.11 2.50
CA LEU D 24 12.47 5.57 3.81
C LEU D 24 11.59 4.60 4.54
N ASP D 25 11.18 3.54 3.88
CA ASP D 25 10.34 2.45 4.45
C ASP D 25 9.01 2.99 4.95
N ILE D 26 8.39 3.80 4.10
CA ILE D 26 7.08 4.40 4.34
C ILE D 26 5.99 3.70 3.55
N GLN D 27 4.92 3.33 4.30
CA GLN D 27 3.77 2.74 3.63
C GLN D 27 2.99 3.74 2.80
N TYR D 28 2.38 3.30 1.70
CA TYR D 28 1.49 4.27 0.99
C TYR D 28 0.59 3.50 0.03
N GLU D 29 -0.47 4.13 -0.49
CA GLU D 29 -1.33 3.53 -1.52
C GLU D 29 -0.80 3.97 -2.89
N ASP D 30 -0.30 3.02 -3.66
CA ASP D 30 0.25 3.26 -5.00
C ASP D 30 -0.88 3.02 -5.99
N HIS D 31 -1.65 4.06 -6.29
CA HIS D 31 -2.93 3.97 -7.06
C HIS D 31 -2.59 4.19 -8.50
N ARG D 32 -2.71 3.17 -9.31
CA ARG D 32 -2.34 3.26 -10.74
C ARG D 32 -3.60 3.21 -11.61
N ILE D 33 -3.90 4.28 -12.33
CA ILE D 33 -5.13 4.35 -13.10
C ILE D 33 -4.89 3.92 -14.57
N GLU D 34 -6.01 3.66 -15.26
CA GLU D 34 -6.07 3.29 -16.68
C GLU D 34 -6.37 4.52 -17.53
N GLN D 35 -6.08 4.46 -18.82
CA GLN D 35 -6.46 5.56 -19.68
C GLN D 35 -7.97 5.86 -19.56
N ALA D 36 -8.81 4.82 -19.47
CA ALA D 36 -10.27 4.98 -19.48
C ALA D 36 -10.74 5.76 -18.27
N ASP D 37 -9.87 5.86 -17.27
CA ASP D 37 -10.22 6.54 -16.03
C ASP D 37 -9.87 8.02 -16.12
N TRP D 38 -9.03 8.38 -17.09
CA TRP D 38 -8.40 9.73 -17.09
C TRP D 38 -9.41 10.94 -17.00
N PRO D 39 -10.44 11.02 -17.91
CA PRO D 39 -11.31 12.20 -17.81
C PRO D 39 -11.88 12.47 -16.43
N GLU D 40 -12.36 11.40 -15.78
CA GLU D 40 -12.86 11.44 -14.45
C GLU D 40 -11.77 11.83 -13.36
N ILE D 41 -10.61 11.18 -13.41
CA ILE D 41 -9.51 11.49 -12.48
C ILE D 41 -9.10 12.96 -12.68
N LYS D 42 -8.93 13.36 -13.95
CA LYS D 42 -8.51 14.72 -14.33
C LYS D 42 -9.36 15.87 -13.74
N SER D 43 -10.68 15.71 -13.80
CA SER D 43 -11.60 16.72 -13.28
C SER D 43 -11.37 16.99 -11.81
N THR D 44 -10.49 16.22 -11.16
CA THR D 44 -10.22 16.42 -9.72
C THR D 44 -8.82 16.98 -9.42
N LEU D 45 -8.05 17.27 -10.47
CA LEU D 45 -6.70 17.67 -10.26
C LEU D 45 -6.69 19.22 -10.25
N PRO D 46 -5.75 19.82 -9.49
CA PRO D 46 -5.70 21.30 -9.49
C PRO D 46 -5.31 21.87 -10.85
N PHE D 47 -4.42 21.18 -11.58
CA PHE D 47 -3.92 21.72 -12.82
C PHE D 47 -3.97 20.72 -13.92
N GLY D 48 -4.83 19.72 -13.81
CA GLY D 48 -5.01 18.76 -14.89
C GLY D 48 -3.86 17.77 -15.05
N LYS D 49 -3.02 17.61 -14.00
CA LYS D 49 -1.83 16.75 -14.16
C LYS D 49 -1.58 15.79 -12.99
N ILE D 50 -1.05 14.60 -13.35
CA ILE D 50 -0.52 13.65 -12.38
C ILE D 50 1.03 13.51 -12.55
N PRO D 51 1.75 13.09 -11.50
CA PRO D 51 1.22 12.56 -10.22
C PRO D 51 0.55 13.57 -9.28
N ILE D 52 -0.32 13.09 -8.41
CA ILE D 52 -0.62 13.82 -7.22
C ILE D 52 -0.35 12.89 -6.06
N LEU D 53 -0.12 13.47 -4.89
CA LEU D 53 -0.03 12.73 -3.70
C LEU D 53 -1.04 13.36 -2.68
N GLU D 54 -1.96 12.54 -2.18
CA GLU D 54 -2.89 13.04 -1.16
C GLU D 54 -2.32 12.67 0.18
N VAL D 55 -2.29 13.63 1.11
CA VAL D 55 -1.63 13.42 2.40
C VAL D 55 -2.67 13.83 3.46
N ASP D 56 -3.15 12.90 4.25
CA ASP D 56 -4.28 13.18 5.19
C ASP D 56 -5.37 14.09 4.60
N GLY D 57 -5.86 13.70 3.42
CA GLY D 57 -6.91 14.43 2.74
C GLY D 57 -6.57 15.65 1.94
N LEU D 58 -5.29 16.04 1.87
CA LEU D 58 -4.95 17.30 1.19
C LEU D 58 -4.12 16.96 -0.01
N THR D 59 -4.27 17.69 -1.10
CA THR D 59 -3.64 17.28 -2.37
C THR D 59 -2.31 18.01 -2.64
N LEU D 60 -1.21 17.28 -2.86
CA LEU D 60 0.03 17.88 -3.36
C LEU D 60 0.14 17.52 -4.85
N HIS D 61 0.85 18.34 -5.62
CA HIS D 61 1.03 18.07 -7.01
C HIS D 61 2.45 18.45 -7.42
N GLN D 62 2.84 18.08 -8.65
CA GLN D 62 4.23 18.25 -9.18
C GLN D 62 5.21 17.27 -8.56
N SER D 63 5.63 16.35 -9.41
CA SER D 63 6.42 15.26 -8.96
C SER D 63 7.72 15.68 -8.22
N LEU D 64 8.42 16.71 -8.71
CA LEU D 64 9.65 17.12 -8.03
C LEU D 64 9.38 17.86 -6.73
N ALA D 65 8.31 18.65 -6.73
CA ALA D 65 7.88 19.34 -5.54
C ALA D 65 7.56 18.34 -4.43
N ILE D 66 6.82 17.29 -4.77
CA ILE D 66 6.50 16.16 -3.88
C ILE D 66 7.76 15.41 -3.39
N ALA D 67 8.67 15.11 -4.32
CA ALA D 67 9.86 14.36 -3.95
C ALA D 67 10.65 15.17 -2.92
N ARG D 68 10.77 16.49 -3.11
CA ARG D 68 11.51 17.38 -2.19
C ARG D 68 10.83 17.36 -0.80
N TYR D 69 9.51 17.51 -0.81
CA TYR D 69 8.70 17.50 0.45
C TYR D 69 8.99 16.19 1.27
N LEU D 70 8.94 15.04 0.59
CA LEU D 70 9.17 13.75 1.23
C LEU D 70 10.61 13.60 1.82
N THR D 71 11.59 14.22 1.16
CA THR D 71 12.98 14.09 1.60
C THR D 71 13.44 15.11 2.68
N LYS D 72 12.64 16.16 2.92
CA LYS D 72 13.03 17.19 3.93
C LYS D 72 13.30 16.52 5.29
N ASN D 73 14.36 16.95 5.99
CA ASN D 73 14.78 16.31 7.26
C ASN D 73 15.10 14.84 7.19
N THR D 74 15.53 14.33 6.03
CA THR D 74 15.95 12.92 5.95
C THR D 74 17.40 12.95 5.41
N ASP D 75 18.10 11.80 5.46
CA ASP D 75 19.45 11.70 4.88
C ASP D 75 19.53 11.87 3.32
N LEU D 76 18.36 11.89 2.66
CA LEU D 76 18.31 11.96 1.17
C LEU D 76 18.37 13.41 0.68
N ALA D 77 18.19 14.36 1.60
CA ALA D 77 18.09 15.77 1.25
C ALA D 77 19.40 16.52 0.74
N GLY D 78 20.56 16.10 1.20
CA GLY D 78 21.74 17.00 1.16
C GLY D 78 22.02 17.45 2.61
N ASN D 79 23.29 17.44 3.00
CA ASN D 79 23.60 17.68 4.41
C ASN D 79 23.45 19.16 4.76
N THR D 80 23.96 20.03 3.90
CA THR D 80 24.05 21.47 4.10
C THR D 80 23.17 22.18 3.09
N GLU D 81 22.93 23.48 3.32
CA GLU D 81 22.05 24.27 2.47
C GLU D 81 22.61 24.36 1.07
N MET D 82 23.92 24.53 0.99
CA MET D 82 24.54 24.53 -0.30
C MET D 82 24.43 23.18 -1.03
N GLU D 83 24.66 22.07 -0.35
CA GLU D 83 24.47 20.74 -0.97
C GLU D 83 23.00 20.54 -1.38
N GLN D 84 22.04 21.02 -0.54
CA GLN D 84 20.62 20.96 -0.93
C GLN D 84 20.34 21.66 -2.25
N CYS D 85 21.04 22.79 -2.47
CA CYS D 85 20.91 23.55 -3.68
C CYS D 85 21.48 22.78 -4.90
N HIS D 86 22.61 22.14 -4.66
CA HIS D 86 23.22 21.26 -5.63
C HIS D 86 22.33 20.05 -5.96
N VAL D 87 21.68 19.50 -4.94
CA VAL D 87 20.80 18.39 -5.21
C VAL D 87 19.68 18.85 -6.16
N ASP D 88 19.05 19.97 -5.83
CA ASP D 88 17.97 20.58 -6.64
C ASP D 88 18.37 20.86 -8.07
N ALA D 89 19.55 21.44 -8.22
CA ALA D 89 20.11 21.85 -9.52
C ALA D 89 20.37 20.65 -10.47
N ILE D 90 20.93 19.58 -9.92
CA ILE D 90 21.15 18.34 -10.70
C ILE D 90 19.82 17.71 -11.12
N VAL D 91 18.88 17.60 -10.17
CA VAL D 91 17.54 17.16 -10.50
C VAL D 91 16.91 18.03 -11.60
N ASP D 92 16.96 19.38 -11.49
CA ASP D 92 16.37 20.24 -12.57
C ASP D 92 17.10 20.07 -13.92
N THR D 93 18.41 19.83 -13.88
CA THR D 93 19.23 19.64 -15.13
C THR D 93 18.77 18.34 -15.80
N LEU D 94 18.56 17.31 -14.97
CA LEU D 94 18.00 16.10 -15.53
C LEU D 94 16.57 16.26 -16.08
N ASP D 95 15.72 16.89 -15.29
CA ASP D 95 14.32 17.08 -15.65
C ASP D 95 14.15 17.92 -16.91
N ASP D 96 14.88 19.03 -17.08
CA ASP D 96 14.95 19.86 -18.31
C ASP D 96 15.22 19.02 -19.56
N PHE D 97 16.20 18.11 -19.50
CA PHE D 97 16.41 17.25 -20.62
C PHE D 97 15.25 16.26 -20.88
N MET D 98 14.72 15.58 -19.86
CA MET D 98 13.61 14.65 -20.04
C MET D 98 12.40 15.40 -20.64
N SER D 99 12.25 16.69 -20.28
CA SER D 99 11.12 17.51 -20.77
C SER D 99 11.24 17.91 -22.26
N CYS D 100 12.45 17.88 -22.82
CA CYS D 100 12.67 18.07 -24.31
C CYS D 100 11.98 17.04 -25.19
N PHE D 101 11.77 15.84 -24.68
CA PHE D 101 11.20 14.75 -25.49
C PHE D 101 9.70 14.97 -25.81
N PRO D 102 9.31 14.67 -27.09
CA PRO D 102 7.92 14.89 -27.52
C PRO D 102 7.04 13.71 -27.13
N TRP D 103 6.89 13.52 -25.81
CA TRP D 103 6.18 12.37 -25.23
C TRP D 103 4.75 12.18 -25.77
N ALA D 104 4.10 13.26 -26.17
CA ALA D 104 2.69 13.17 -26.60
C ALA D 104 2.47 13.30 -28.13
N GLU D 105 3.54 13.24 -28.91
CA GLU D 105 3.40 13.33 -30.35
C GLU D 105 2.62 12.09 -30.88
N LYS D 106 1.57 12.36 -31.67
CA LYS D 106 0.64 11.30 -32.17
C LYS D 106 1.27 10.52 -33.30
N LYS D 107 1.87 11.25 -34.24
CA LYS D 107 2.55 10.66 -35.38
C LYS D 107 3.79 9.94 -34.88
N GLN D 108 3.85 8.63 -35.10
CA GLN D 108 4.93 7.81 -34.57
C GLN D 108 6.26 8.05 -35.27
N ASP D 109 6.22 8.14 -36.59
CA ASP D 109 7.42 8.43 -37.38
C ASP D 109 8.11 9.76 -36.98
N VAL D 110 7.34 10.83 -36.79
CA VAL D 110 7.91 12.11 -36.35
C VAL D 110 8.40 12.01 -34.88
N LYS D 111 7.65 11.31 -34.01
CA LYS D 111 8.05 11.12 -32.59
C LYS D 111 9.42 10.40 -32.47
N GLU D 112 9.53 9.30 -33.23
CA GLU D 112 10.72 8.47 -33.30
C GLU D 112 11.92 9.24 -33.85
N GLN D 113 11.75 10.00 -34.92
CA GLN D 113 12.88 10.79 -35.43
C GLN D 113 13.39 11.78 -34.38
N MET D 114 12.48 12.49 -33.74
CA MET D 114 12.90 13.50 -32.77
C MET D 114 13.60 12.87 -31.55
N PHE D 115 13.07 11.74 -31.04
CA PHE D 115 13.75 10.98 -29.96
C PHE D 115 15.19 10.62 -30.37
N ASN D 116 15.30 10.08 -31.57
CA ASN D 116 16.62 9.71 -32.12
C ASN D 116 17.56 10.87 -32.25
N GLU D 117 17.06 12.03 -32.67
CA GLU D 117 17.91 13.20 -32.74
C GLU D 117 18.37 13.68 -31.34
N LEU D 118 17.45 13.84 -30.41
CA LEU D 118 17.86 14.26 -29.02
C LEU D 118 18.89 13.29 -28.42
N LEU D 119 18.70 11.99 -28.62
CA LEU D 119 19.58 11.02 -28.01
C LEU D 119 20.97 10.98 -28.64
N THR D 120 21.05 11.33 -29.92
CA THR D 120 22.33 11.23 -30.72
C THR D 120 23.08 12.57 -30.66
N TYR D 121 22.39 13.69 -30.93
CA TYR D 121 22.99 15.02 -30.93
C TYR D 121 23.02 15.83 -29.59
N ASN D 122 22.09 15.58 -28.66
CA ASN D 122 22.04 16.41 -27.43
C ASN D 122 22.49 15.65 -26.20
N ALA D 123 22.00 14.40 -26.10
CA ALA D 123 22.35 13.59 -24.95
C ALA D 123 23.82 13.45 -24.66
N PRO D 124 24.68 13.17 -25.69
CA PRO D 124 26.07 13.03 -25.27
C PRO D 124 26.68 14.31 -24.60
N HIS D 125 26.20 15.50 -24.90
CA HIS D 125 26.79 16.63 -24.18
C HIS D 125 26.39 16.61 -22.69
N LEU D 126 25.16 16.19 -22.41
CA LEU D 126 24.71 16.09 -21.03
C LEU D 126 25.48 14.94 -20.33
N MET D 127 25.70 13.84 -21.01
CA MET D 127 26.31 12.71 -20.28
C MET D 127 27.74 13.11 -19.87
N GLN D 128 28.42 13.81 -20.78
CA GLN D 128 29.76 14.27 -20.49
C GLN D 128 29.82 15.30 -19.35
N ASP D 129 28.95 16.30 -19.35
CA ASP D 129 28.83 17.23 -18.20
C ASP D 129 28.57 16.47 -16.85
N LEU D 130 27.70 15.48 -16.87
CA LEU D 130 27.39 14.73 -15.66
C LEU D 130 28.61 13.91 -15.16
N ASP D 131 29.26 13.23 -16.10
CA ASP D 131 30.48 12.50 -15.82
C ASP D 131 31.54 13.41 -15.17
N THR D 132 31.81 14.52 -15.81
CA THR D 132 32.77 15.49 -15.29
C THR D 132 32.35 16.04 -13.91
N TYR D 133 31.07 16.39 -13.76
CA TYR D 133 30.57 16.77 -12.42
C TYR D 133 30.83 15.74 -11.34
N LEU D 134 30.50 14.47 -11.63
CA LEU D 134 30.76 13.35 -10.75
C LEU D 134 32.26 13.05 -10.42
N GLY D 135 33.20 13.13 -11.39
CA GLY D 135 34.61 13.00 -11.00
C GLY D 135 34.73 11.57 -10.55
N GLY D 136 35.62 11.30 -9.60
CA GLY D 136 35.78 9.92 -9.11
C GLY D 136 35.02 9.79 -7.78
N ARG D 137 34.14 10.74 -7.47
CA ARG D 137 33.30 10.69 -6.23
C ARG D 137 32.32 9.50 -6.24
N GLU D 138 31.87 9.08 -5.06
CA GLU D 138 31.01 7.92 -4.99
C GLU D 138 29.54 8.28 -5.42
N TRP D 139 29.13 9.51 -5.12
CA TRP D 139 27.71 9.92 -5.31
C TRP D 139 27.79 11.31 -5.89
N LEU D 140 26.69 11.77 -6.52
CA LEU D 140 26.72 13.02 -7.20
C LEU D 140 26.93 14.20 -6.23
N ILE D 141 26.26 14.19 -5.07
CA ILE D 141 26.40 15.27 -4.07
C ILE D 141 26.92 14.74 -2.70
N GLY D 142 27.98 15.34 -2.16
CA GLY D 142 28.36 14.99 -0.78
C GLY D 142 28.91 13.60 -0.68
N MET D 143 28.72 12.98 0.49
CA MET D 143 29.41 11.75 0.78
C MET D 143 28.50 10.55 0.84
N SER D 144 27.19 10.76 0.65
CA SER D 144 26.22 9.70 0.77
C SER D 144 25.09 9.93 -0.25
N VAL D 145 24.30 8.91 -0.47
CA VAL D 145 23.28 8.95 -1.57
C VAL D 145 22.28 10.06 -1.27
N THR D 146 21.84 10.73 -2.33
CA THR D 146 20.71 11.66 -2.19
C THR D 146 19.66 11.33 -3.27
N TRP D 147 18.54 12.04 -3.24
CA TRP D 147 17.47 11.72 -4.20
C TRP D 147 17.91 12.20 -5.61
N ALA D 148 18.94 13.03 -5.73
CA ALA D 148 19.53 13.27 -7.12
C ALA D 148 20.15 12.02 -7.75
N ASP D 149 20.81 11.15 -6.93
CA ASP D 149 21.32 9.82 -7.45
C ASP D 149 20.15 8.91 -7.92
N PHE D 150 19.09 8.90 -7.07
CA PHE D 150 17.87 8.18 -7.47
C PHE D 150 17.39 8.65 -8.80
N TYR D 151 17.30 9.96 -8.96
CA TYR D 151 16.66 10.49 -10.15
C TYR D 151 17.58 10.22 -11.38
N TRP D 152 18.86 10.16 -11.11
CA TRP D 152 19.79 9.90 -12.23
C TRP D 152 19.54 8.46 -12.70
N GLU D 153 19.35 7.58 -11.75
CA GLU D 153 19.14 6.21 -12.07
C GLU D 153 17.82 6.03 -12.81
N ILE D 154 16.79 6.69 -12.32
CA ILE D 154 15.45 6.65 -12.91
C ILE D 154 15.44 7.19 -14.36
N CYS D 155 15.99 8.41 -14.55
CA CYS D 155 16.03 9.01 -15.86
C CYS D 155 16.91 8.19 -16.85
N SER D 156 18.08 7.74 -16.42
CA SER D 156 18.94 6.98 -17.32
C SER D 156 18.32 5.58 -17.61
N THR D 157 17.50 5.04 -16.70
CA THR D 157 16.83 3.79 -17.01
C THR D 157 15.91 3.98 -18.23
N THR D 158 15.13 5.05 -18.25
CA THR D 158 14.21 5.27 -19.37
C THR D 158 14.95 5.60 -20.72
N LEU D 159 15.98 6.44 -20.63
CA LEU D 159 16.81 6.85 -21.85
C LEU D 159 17.46 5.61 -22.47
N LEU D 160 17.94 4.70 -21.62
CA LEU D 160 18.60 3.45 -22.08
C LEU D 160 17.70 2.46 -22.84
N VAL D 161 16.40 2.52 -22.59
CA VAL D 161 15.37 1.89 -23.45
C VAL D 161 15.44 2.34 -24.93
N PHE D 162 15.63 3.65 -25.12
CA PHE D 162 15.69 4.21 -26.45
C PHE D 162 17.07 4.34 -27.07
N LYS D 163 18.13 4.41 -26.23
CA LYS D 163 19.53 4.49 -26.66
C LYS D 163 20.38 3.56 -25.79
N PRO D 164 20.38 2.24 -26.08
CA PRO D 164 21.18 1.22 -25.39
C PRO D 164 22.67 1.53 -25.10
N ASP D 165 23.37 2.21 -26.02
CA ASP D 165 24.80 2.52 -25.84
C ASP D 165 25.01 3.93 -25.22
N LEU D 166 23.93 4.56 -24.78
CA LEU D 166 23.97 5.87 -24.11
C LEU D 166 25.20 6.07 -23.22
N LEU D 167 25.56 5.04 -22.45
CA LEU D 167 26.55 5.15 -21.36
C LEU D 167 27.84 4.36 -21.66
N ASP D 168 27.98 3.89 -22.90
CA ASP D 168 29.23 3.21 -23.33
C ASP D 168 30.54 3.97 -23.08
N ASN D 169 30.58 5.30 -23.21
CA ASN D 169 31.76 6.12 -22.92
C ASN D 169 31.83 6.64 -21.51
N HIS D 170 30.91 6.18 -20.63
CA HIS D 170 30.82 6.72 -19.26
C HIS D 170 30.63 5.67 -18.21
N PRO D 171 31.66 4.83 -18.03
CA PRO D 171 31.48 3.73 -17.12
C PRO D 171 31.27 4.20 -15.63
N ARG D 172 31.68 5.42 -15.29
CA ARG D 172 31.47 5.91 -13.91
C ARG D 172 29.97 6.20 -13.65
N LEU D 173 29.24 6.55 -14.73
CA LEU D 173 27.80 6.77 -14.66
C LEU D 173 27.04 5.45 -14.54
N VAL D 174 27.53 4.37 -15.17
CA VAL D 174 27.00 3.05 -14.97
C VAL D 174 27.20 2.58 -13.50
N THR D 175 28.44 2.71 -12.99
CA THR D 175 28.71 2.37 -11.59
C THR D 175 27.72 3.03 -10.57
N LEU D 176 27.48 4.33 -10.74
CA LEU D 176 26.52 5.08 -9.94
C LEU D 176 25.12 4.43 -10.03
N ARG D 177 24.69 4.03 -11.22
CA ARG D 177 23.42 3.32 -11.41
C ARG D 177 23.38 2.10 -10.60
N LYS D 178 24.44 1.28 -10.73
CA LYS D 178 24.54 0.01 -10.05
C LYS D 178 24.56 0.17 -8.52
N LYS D 179 25.25 1.18 -8.02
CA LYS D 179 25.19 1.51 -6.56
C LYS D 179 23.78 1.90 -6.08
N VAL D 180 23.05 2.67 -6.87
CA VAL D 180 21.65 3.00 -6.51
C VAL D 180 20.83 1.69 -6.49
N GLN D 181 21.00 0.88 -7.53
CA GLN D 181 20.25 -0.34 -7.65
C GLN D 181 20.65 -1.43 -6.63
N ALA D 182 21.83 -1.35 -6.01
CA ALA D 182 22.16 -2.29 -4.94
C ALA D 182 21.70 -1.88 -3.51
N ILE D 183 21.23 -0.67 -3.32
CA ILE D 183 20.74 -0.25 -1.96
C ILE D 183 19.59 -1.19 -1.64
N PRO D 184 19.62 -1.89 -0.49
CA PRO D 184 18.66 -2.98 -0.35
C PRO D 184 17.16 -2.63 -0.48
N ALA D 185 16.68 -1.52 0.13
CA ALA D 185 15.25 -1.10 0.01
C ALA D 185 14.90 -0.79 -1.49
N VAL D 186 15.89 -0.27 -2.20
CA VAL D 186 15.65 0.14 -3.61
C VAL D 186 15.67 -1.12 -4.53
N ALA D 187 16.66 -1.99 -4.35
CA ALA D 187 16.71 -3.33 -5.07
C ALA D 187 15.41 -4.04 -4.91
N ASN D 188 14.93 -4.06 -3.64
CA ASN D 188 13.68 -4.71 -3.40
C ASN D 188 12.52 -4.09 -4.20
N TRP D 189 12.41 -2.76 -4.22
CA TRP D 189 11.32 -2.12 -5.01
C TRP D 189 11.46 -2.48 -6.53
N ILE D 190 12.69 -2.34 -7.11
CA ILE D 190 13.01 -2.63 -8.54
C ILE D 190 12.57 -4.04 -8.92
N LYS D 191 12.81 -5.00 -8.01
CA LYS D 191 12.41 -6.39 -8.24
C LYS D 191 10.89 -6.61 -8.21
N ARG D 192 10.18 -5.86 -7.39
CA ARG D 192 8.74 -6.15 -7.15
C ARG D 192 7.78 -5.24 -7.93
N ARG D 193 8.23 -4.07 -8.37
CA ARG D 193 7.30 -3.12 -9.08
C ARG D 193 6.70 -3.74 -10.38
N PRO D 194 5.49 -3.30 -10.85
CA PRO D 194 4.94 -3.76 -12.08
C PRO D 194 5.96 -3.44 -13.21
N GLN D 195 6.19 -4.40 -14.12
CA GLN D 195 7.12 -4.18 -15.23
C GLN D 195 6.40 -3.47 -16.36
N THR D 196 6.79 -2.21 -16.68
CA THR D 196 6.12 -1.37 -17.68
C THR D 196 7.22 -0.87 -18.59
N LYS D 197 6.88 -0.57 -19.84
CA LYS D 197 7.90 -0.07 -20.76
C LYS D 197 8.56 1.24 -20.14
N LEU D 198 7.69 2.21 -19.85
CA LEU D 198 8.07 3.54 -19.36
C LEU D 198 7.76 3.71 -17.83
#